data_3CMB
#
_entry.id   3CMB
#
_cell.length_a   129.340
_cell.length_b   136.710
_cell.length_c   168.120
_cell.angle_alpha   90.000
_cell.angle_beta   90.000
_cell.angle_gamma   90.000
#
_symmetry.space_group_name_H-M   'I 2 2 2'
#
loop_
_entity.id
_entity.type
_entity.pdbx_description
1 polymer 'Acetoacetate decarboxylase'
2 non-polymer 'SODIUM ION'
3 non-polymer 'CHLORIDE ION'
4 non-polymer 3,6,9,12,15,18-HEXAOXAICOSANE-1,20-DIOL
5 non-polymer DI(HYDROXYETHYL)ETHER
6 non-polymer 3,6,9,12,15,18,21-HEPTAOXATRICOSANE-1,23-DIOL
7 water water
#
_entity_poly.entity_id   1
_entity_poly.type   'polypeptide(L)'
_entity_poly.pdbx_seq_one_letter_code
;(MSE)GSDKIHHHHHHENLYFQG(MSE)FRPQDDFTYL(MSE)PVHFGGGKFDPETLVTQKATALSLSFETERDLLENYI
PEGFELLAPEVQVAFNKFTEINWLHGGQYNLINVAAPVRFHGKKDELDGAYTLVVWENKTAPILGGREQTGIPKIYADIE
DLHIVRPHFATTVSYEGNTFLN(MSE)DFEATGSITGRDLDALKSQFLT(MSE)NTLGWRYIPKVGAPGAELSQFVLYPQ
G(MSE)EVETAEVGKGSLKWTELTP(MSE)QSPAQYYIVNSLASLPIKRVTQAVLVEGRAILRA(MSE)GARVIE
;
_entity_poly.pdbx_strand_id   A,B,C,D
#
# COMPACT_ATOMS: atom_id res chain seq x y z
N GLY A 19 -15.47 -39.19 -4.48
CA GLY A 19 -16.26 -37.98 -4.15
C GLY A 19 -15.31 -36.82 -4.14
N PHE A 21 -11.39 -34.93 -5.28
CA PHE A 21 -10.86 -34.20 -6.40
C PHE A 21 -9.87 -35.03 -7.22
N ARG A 22 -10.10 -34.96 -8.51
CA ARG A 22 -9.20 -35.50 -9.52
C ARG A 22 -9.04 -34.48 -10.63
N PRO A 23 -7.81 -34.19 -11.05
CA PRO A 23 -7.70 -33.28 -12.19
C PRO A 23 -8.30 -33.86 -13.45
N GLN A 24 -8.60 -32.98 -14.37
CA GLN A 24 -9.08 -33.37 -15.70
C GLN A 24 -7.97 -33.41 -16.68
N ASP A 25 -8.08 -34.31 -17.63
CA ASP A 25 -7.02 -34.53 -18.61
C ASP A 25 -7.02 -33.34 -19.55
N ASP A 26 -8.17 -32.73 -19.63
CA ASP A 26 -8.36 -31.63 -20.57
C ASP A 26 -7.59 -30.35 -20.16
N PHE A 27 -7.11 -30.35 -18.92
CA PHE A 27 -6.94 -29.08 -18.17
C PHE A 27 -5.53 -28.59 -17.79
N THR A 28 -5.48 -27.26 -17.71
CA THR A 28 -4.36 -26.50 -17.15
C THR A 28 -4.70 -26.01 -15.74
N TYR A 29 -3.69 -26.10 -14.89
CA TYR A 29 -3.80 -25.75 -13.44
C TYR A 29 -2.53 -25.09 -12.93
N LEU A 30 -2.76 -24.30 -11.90
CA LEU A 30 -1.75 -23.79 -10.99
C LEU A 30 -2.16 -24.10 -9.56
N PRO A 32 -3.44 -23.48 -5.93
CA PRO A 32 -4.02 -24.83 -5.54
C PRO A 32 -4.87 -25.52 -6.62
N VAL A 33 -4.43 -26.69 -6.98
CA VAL A 33 -5.00 -27.40 -8.13
C VAL A 33 -6.48 -27.79 -7.86
N HIS A 34 -6.76 -28.00 -6.59
CA HIS A 34 -8.06 -28.60 -6.19
C HIS A 34 -9.24 -27.66 -6.17
N PHE A 35 -8.98 -26.39 -6.45
CA PHE A 35 -10.08 -25.48 -6.65
C PHE A 35 -10.39 -25.33 -8.10
N GLY A 36 -9.66 -26.11 -8.89
CA GLY A 36 -10.00 -26.31 -10.29
C GLY A 36 -9.12 -25.54 -11.22
N GLY A 37 -9.45 -25.66 -12.50
CA GLY A 37 -8.59 -25.15 -13.59
C GLY A 37 -9.37 -24.77 -14.83
N GLY A 38 -8.69 -24.78 -15.96
CA GLY A 38 -9.37 -24.45 -17.22
C GLY A 38 -8.94 -25.33 -18.35
N LYS A 39 -9.89 -25.61 -19.24
CA LYS A 39 -9.61 -26.40 -20.40
C LYS A 39 -8.49 -25.76 -21.23
N PHE A 40 -7.55 -26.61 -21.62
CA PHE A 40 -6.48 -26.18 -22.50
C PHE A 40 -6.99 -25.64 -23.82
N ASP A 41 -6.38 -24.52 -24.23
CA ASP A 41 -6.61 -23.92 -25.55
C ASP A 41 -5.29 -23.48 -26.18
N PRO A 42 -4.92 -24.04 -27.34
CA PRO A 42 -3.62 -23.68 -27.84
C PRO A 42 -3.51 -22.20 -28.20
N GLU A 43 -4.67 -21.58 -28.32
CA GLU A 43 -4.78 -20.18 -28.70
C GLU A 43 -5.14 -19.22 -27.54
N THR A 44 -4.86 -19.65 -26.31
CA THR A 44 -4.96 -18.75 -25.13
C THR A 44 -4.07 -17.52 -25.29
N LEU A 45 -4.66 -16.36 -25.16
CA LEU A 45 -3.97 -15.12 -25.35
C LEU A 45 -3.82 -14.35 -24.07
N VAL A 46 -2.75 -13.58 -24.05
CA VAL A 46 -2.67 -12.37 -23.19
C VAL A 46 -2.82 -11.16 -24.13
N THR A 47 -3.74 -10.29 -23.77
CA THR A 47 -4.01 -9.03 -24.46
C THR A 47 -4.12 -7.86 -23.43
N GLN A 48 -3.41 -6.78 -23.73
CA GLN A 48 -3.24 -5.67 -22.79
C GLN A 48 -2.78 -4.46 -23.56
N LYS A 49 -3.12 -3.30 -23.04
CA LYS A 49 -2.51 -2.06 -23.46
C LYS A 49 -1.16 -2.02 -22.78
N ALA A 50 -0.22 -1.34 -23.41
CA ALA A 50 1.16 -1.26 -22.86
C ALA A 50 1.90 0.03 -23.10
N THR A 51 2.59 0.44 -22.04
CA THR A 51 3.61 1.52 -22.11
C THR A 51 4.91 0.91 -21.70
N ALA A 52 5.98 1.24 -22.41
CA ALA A 52 7.35 0.90 -21.97
C ALA A 52 8.38 2.00 -22.08
N LEU A 53 9.21 2.06 -21.04
CA LEU A 53 10.40 2.90 -20.99
C LEU A 53 11.52 1.88 -21.04
N SER A 54 12.13 1.80 -22.21
CA SER A 54 13.16 0.82 -22.47
C SER A 54 14.55 1.42 -22.62
N LEU A 55 15.45 0.96 -21.74
CA LEU A 55 16.86 1.32 -21.74
C LEU A 55 17.73 0.11 -21.92
N SER A 56 18.90 0.40 -22.44
N SER A 56 18.90 0.41 -22.43
CA SER A 56 19.98 -0.56 -22.46
CA SER A 56 19.99 -0.55 -22.56
C SER A 56 21.27 0.16 -22.17
C SER A 56 21.28 0.16 -22.19
N PHE A 57 22.13 -0.57 -21.48
CA PHE A 57 23.43 -0.05 -21.11
C PHE A 57 24.53 -1.09 -21.32
N GLU A 58 25.69 -0.51 -21.61
CA GLU A 58 26.93 -1.27 -21.86
C GLU A 58 27.65 -1.41 -20.57
N THR A 59 28.18 -2.61 -20.35
CA THR A 59 28.89 -2.94 -19.11
C THR A 59 30.12 -3.81 -19.41
N GLU A 60 30.54 -4.54 -18.40
CA GLU A 60 31.76 -5.35 -18.46
C GLU A 60 31.44 -6.82 -18.73
N ARG A 61 31.96 -7.32 -19.85
CA ARG A 61 31.58 -8.65 -20.30
C ARG A 61 31.81 -9.67 -19.21
N ASP A 62 33.01 -9.67 -18.65
N ASP A 62 32.99 -9.62 -18.64
CA ASP A 62 33.38 -10.76 -17.79
CA ASP A 62 33.44 -10.72 -17.79
C ASP A 62 32.41 -10.82 -16.62
C ASP A 62 32.65 -10.76 -16.49
N LEU A 63 32.03 -9.63 -16.18
CA LEU A 63 31.26 -9.50 -14.92
C LEU A 63 29.86 -10.02 -15.17
N LEU A 64 29.34 -9.68 -16.36
CA LEU A 64 27.98 -10.08 -16.75
C LEU A 64 27.91 -11.58 -16.96
N GLU A 65 28.95 -12.16 -17.57
CA GLU A 65 28.92 -13.58 -17.92
C GLU A 65 28.80 -14.40 -16.66
N ASN A 66 29.22 -13.81 -15.55
CA ASN A 66 29.12 -14.51 -14.24
C ASN A 66 27.68 -14.88 -13.89
N TYR A 67 26.76 -14.23 -14.57
CA TYR A 67 25.32 -14.39 -14.26
C TYR A 67 24.54 -15.11 -15.35
N ILE A 68 25.26 -15.55 -16.39
CA ILE A 68 24.67 -16.23 -17.54
C ILE A 68 25.00 -17.71 -17.46
N PRO A 69 23.99 -18.59 -17.45
CA PRO A 69 24.22 -20.04 -17.42
C PRO A 69 24.99 -20.57 -18.62
N GLU A 70 25.79 -21.58 -18.31
CA GLU A 70 26.45 -22.42 -19.32
C GLU A 70 25.38 -22.91 -20.25
N GLY A 71 25.70 -22.86 -21.54
CA GLY A 71 24.74 -23.23 -22.56
C GLY A 71 24.29 -22.03 -23.35
N PHE A 72 24.56 -20.88 -22.75
CA PHE A 72 24.33 -19.58 -23.40
C PHE A 72 25.63 -18.86 -23.68
N GLU A 73 25.67 -18.20 -24.83
CA GLU A 73 26.75 -17.28 -25.21
C GLU A 73 26.21 -15.86 -25.13
N LEU A 74 26.89 -15.03 -24.35
CA LEU A 74 26.53 -13.59 -24.30
C LEU A 74 26.93 -12.89 -25.57
N LEU A 75 25.95 -12.37 -26.30
CA LEU A 75 26.18 -11.79 -27.62
C LEU A 75 26.88 -10.44 -27.54
N ALA A 76 26.66 -9.74 -26.45
CA ALA A 76 27.16 -8.36 -26.25
C ALA A 76 27.17 -8.03 -24.75
N PRO A 77 28.08 -7.13 -24.29
CA PRO A 77 28.16 -6.68 -22.91
C PRO A 77 27.07 -5.62 -22.62
N GLU A 78 25.86 -6.14 -22.62
CA GLU A 78 24.65 -5.31 -22.60
C GLU A 78 23.64 -5.84 -21.61
N VAL A 79 23.06 -4.90 -20.85
CA VAL A 79 21.90 -5.19 -20.00
C VAL A 79 20.76 -4.28 -20.42
N GLN A 80 19.64 -4.93 -20.65
CA GLN A 80 18.38 -4.32 -21.08
C GLN A 80 17.54 -4.12 -19.81
N VAL A 81 17.18 -2.88 -19.51
CA VAL A 81 16.30 -2.58 -18.38
C VAL A 81 15.07 -1.76 -18.81
N ALA A 82 13.89 -2.32 -18.63
CA ALA A 82 12.69 -1.71 -19.16
C ALA A 82 11.56 -1.74 -18.15
N PHE A 83 11.06 -0.55 -17.91
CA PHE A 83 9.75 -0.39 -17.24
C PHE A 83 8.60 -0.61 -18.25
N ASN A 84 7.68 -1.49 -17.82
CA ASN A 84 6.42 -1.74 -18.56
C ASN A 84 5.25 -1.56 -17.62
N LYS A 85 4.24 -0.93 -18.17
N LYS A 85 4.26 -0.86 -18.12
CA LYS A 85 2.92 -0.81 -17.55
CA LYS A 85 2.92 -0.84 -17.52
C LYS A 85 1.82 -1.33 -18.45
C LYS A 85 1.91 -1.42 -18.48
N PHE A 86 1.15 -2.35 -17.93
CA PHE A 86 0.17 -3.16 -18.69
C PHE A 86 -1.18 -2.80 -18.08
N THR A 87 -2.11 -2.44 -18.95
CA THR A 87 -3.49 -2.11 -18.53
C THR A 87 -4.51 -2.85 -19.37
N GLU A 88 -5.73 -2.85 -18.85
CA GLU A 88 -6.89 -3.47 -19.48
C GLU A 88 -6.55 -4.92 -19.78
N ILE A 89 -5.86 -5.54 -18.83
CA ILE A 89 -5.33 -6.90 -18.99
C ILE A 89 -6.44 -7.98 -18.98
N ASN A 90 -6.54 -8.74 -20.06
CA ASN A 90 -7.67 -9.65 -20.23
C ASN A 90 -7.73 -10.68 -19.11
N TRP A 91 -6.62 -11.32 -18.85
CA TRP A 91 -6.62 -12.45 -17.96
C TRP A 91 -6.77 -12.03 -16.49
N LEU A 92 -6.59 -10.73 -16.24
CA LEU A 92 -6.78 -10.09 -14.93
C LEU A 92 -8.10 -9.30 -14.97
N HIS A 93 -8.94 -9.70 -15.91
CA HIS A 93 -10.28 -9.14 -16.05
C HIS A 93 -10.23 -7.68 -15.80
N GLY A 94 -9.27 -7.06 -16.45
CA GLY A 94 -9.33 -5.62 -16.65
C GLY A 94 -8.44 -4.84 -15.73
N GLY A 95 -7.66 -5.59 -14.96
CA GLY A 95 -6.60 -5.07 -14.05
C GLY A 95 -5.34 -4.68 -14.75
N GLN A 96 -4.38 -4.27 -13.91
CA GLN A 96 -3.12 -3.64 -14.36
C GLN A 96 -1.98 -3.99 -13.46
N TYR A 97 -0.77 -3.95 -14.00
CA TYR A 97 0.42 -3.95 -13.18
C TYR A 97 1.59 -3.37 -13.90
N ASN A 98 2.62 -3.15 -13.11
CA ASN A 98 3.91 -2.60 -13.55
C ASN A 98 4.99 -3.62 -13.41
N LEU A 99 6.02 -3.50 -14.25
CA LEU A 99 7.19 -4.36 -14.14
C LEU A 99 8.45 -3.68 -14.57
N ILE A 100 9.56 -4.23 -14.04
CA ILE A 100 10.92 -3.89 -14.46
C ILE A 100 11.56 -5.17 -15.02
N ASN A 101 11.84 -5.17 -16.30
CA ASN A 101 12.48 -6.32 -16.93
C ASN A 101 14.00 -6.07 -17.08
N VAL A 102 14.82 -7.01 -16.60
CA VAL A 102 16.29 -6.96 -16.73
C VAL A 102 16.72 -8.19 -17.48
N ALA A 103 17.38 -7.96 -18.61
CA ALA A 103 17.85 -9.07 -19.45
C ALA A 103 19.17 -8.80 -20.15
N ALA A 104 19.70 -9.84 -20.79
CA ALA A 104 20.97 -9.69 -21.59
C ALA A 104 20.81 -10.49 -22.89
N PRO A 105 21.34 -9.94 -24.01
CA PRO A 105 21.29 -10.68 -25.31
C PRO A 105 22.23 -11.91 -25.40
N VAL A 106 21.59 -13.04 -25.68
CA VAL A 106 22.26 -14.32 -25.73
C VAL A 106 21.91 -15.14 -26.97
N ARG A 107 22.81 -16.06 -27.24
CA ARG A 107 22.61 -17.17 -28.16
C ARG A 107 22.59 -18.45 -27.41
N PHE A 108 21.54 -19.22 -27.65
CA PHE A 108 21.38 -20.54 -27.03
C PHE A 108 21.93 -21.59 -27.97
N HIS A 109 22.88 -22.32 -27.44
CA HIS A 109 23.52 -23.40 -28.16
C HIS A 109 22.97 -24.72 -27.65
N GLY A 110 21.79 -25.08 -28.12
CA GLY A 110 21.12 -26.26 -27.62
C GLY A 110 21.54 -27.51 -28.37
N LYS A 111 21.14 -28.63 -27.78
CA LYS A 111 21.27 -29.95 -28.43
C LYS A 111 20.23 -30.12 -29.50
N LYS A 112 19.11 -29.40 -29.36
CA LYS A 112 18.03 -29.41 -30.37
C LYS A 112 17.67 -28.03 -30.86
N ASP A 113 17.69 -27.10 -29.93
CA ASP A 113 17.30 -25.74 -30.24
C ASP A 113 18.48 -24.82 -30.35
N GLU A 114 18.43 -24.02 -31.39
CA GLU A 114 19.47 -23.05 -31.63
C GLU A 114 18.79 -21.74 -32.00
N LEU A 115 18.91 -20.76 -31.12
CA LEU A 115 18.22 -19.51 -31.28
C LEU A 115 18.86 -18.38 -30.51
N ASP A 116 18.55 -17.17 -30.94
CA ASP A 116 18.98 -15.95 -30.22
C ASP A 116 17.80 -15.47 -29.37
N GLY A 117 18.13 -14.91 -28.22
CA GLY A 117 17.08 -14.38 -27.32
C GLY A 117 17.60 -13.45 -26.26
N ALA A 118 16.69 -13.10 -25.37
CA ALA A 118 16.98 -12.20 -24.24
C ALA A 118 16.91 -13.09 -23.01
N TYR A 119 18.07 -13.33 -22.44
CA TYR A 119 18.11 -14.07 -21.18
C TYR A 119 17.70 -13.18 -19.99
N THR A 120 16.67 -13.65 -19.27
CA THR A 120 16.04 -12.85 -18.19
C THR A 120 16.81 -13.00 -16.92
N LEU A 121 17.43 -11.93 -16.47
CA LEU A 121 18.24 -11.93 -15.22
C LEU A 121 17.29 -11.88 -14.03
N VAL A 122 16.29 -11.04 -14.20
CA VAL A 122 15.26 -10.77 -13.16
C VAL A 122 14.14 -9.88 -13.72
N VAL A 123 12.92 -10.12 -13.24
CA VAL A 123 11.79 -9.24 -13.51
C VAL A 123 11.13 -8.86 -12.18
N TRP A 124 11.17 -7.57 -11.86
CA TRP A 124 10.32 -7.10 -10.78
C TRP A 124 8.92 -6.77 -11.30
N GLU A 125 7.93 -7.20 -10.53
CA GLU A 125 6.50 -6.87 -10.71
C GLU A 125 5.85 -6.44 -9.42
N ASN A 126 4.82 -5.63 -9.56
CA ASN A 126 4.16 -5.11 -8.37
C ASN A 126 2.84 -5.75 -8.06
N LYS A 127 2.72 -6.96 -8.54
CA LYS A 127 1.55 -7.79 -8.26
C LYS A 127 1.83 -9.27 -8.33
N THR A 128 1.29 -10.02 -7.40
CA THR A 128 1.75 -11.41 -7.19
C THR A 128 1.31 -12.33 -8.26
N ALA A 129 0.09 -12.13 -8.74
CA ALA A 129 -0.47 -13.06 -9.77
C ALA A 129 0.45 -13.29 -11.00
N PRO A 130 0.92 -12.23 -11.67
CA PRO A 130 1.85 -12.46 -12.80
C PRO A 130 3.18 -13.06 -12.32
N ILE A 131 3.56 -12.81 -11.06
CA ILE A 131 4.84 -13.31 -10.51
C ILE A 131 4.80 -14.87 -10.40
N LEU A 132 3.73 -15.40 -9.78
CA LEU A 132 3.57 -16.86 -9.65
C LEU A 132 3.43 -17.51 -11.06
N GLY A 133 2.69 -16.87 -11.93
CA GLY A 133 2.47 -17.39 -13.27
C GLY A 133 3.75 -17.51 -14.06
N GLY A 134 4.51 -16.43 -14.03
CA GLY A 134 5.72 -16.35 -14.80
C GLY A 134 6.72 -17.39 -14.37
N ARG A 135 6.86 -17.52 -13.06
CA ARG A 135 7.85 -18.44 -12.47
C ARG A 135 7.46 -19.88 -12.78
N GLU A 136 6.24 -20.20 -12.44
CA GLU A 136 5.79 -21.59 -12.48
C GLU A 136 5.43 -22.07 -13.86
N GLN A 137 4.99 -21.17 -14.73
CA GLN A 137 4.61 -21.62 -16.08
C GLN A 137 5.72 -21.56 -17.11
N THR A 138 6.66 -20.67 -16.88
CA THR A 138 7.62 -20.34 -17.92
C THR A 138 9.02 -20.06 -17.43
N GLY A 139 9.23 -20.18 -16.13
CA GLY A 139 10.59 -20.02 -15.52
C GLY A 139 11.21 -18.63 -15.67
N ILE A 140 10.32 -17.65 -15.74
CA ILE A 140 10.74 -16.27 -15.70
C ILE A 140 10.95 -15.86 -14.23
N PRO A 141 12.17 -15.36 -13.91
CA PRO A 141 12.54 -15.06 -12.51
C PRO A 141 11.92 -13.76 -11.96
N LYS A 142 10.63 -13.85 -11.73
CA LYS A 142 9.81 -12.71 -11.28
C LYS A 142 9.85 -12.64 -9.76
N ILE A 143 10.04 -11.43 -9.27
CA ILE A 143 10.02 -11.20 -7.84
C ILE A 143 9.31 -9.89 -7.57
N TYR A 144 9.04 -9.60 -6.30
CA TYR A 144 8.18 -8.46 -6.03
C TYR A 144 8.97 -7.19 -5.71
N ALA A 145 8.42 -6.11 -6.20
CA ALA A 145 8.75 -4.76 -5.66
C ALA A 145 7.66 -3.73 -5.92
N ASP A 146 7.72 -2.67 -5.13
CA ASP A 146 6.91 -1.44 -5.36
C ASP A 146 7.53 -0.70 -6.53
N ILE A 147 6.66 -0.44 -7.53
CA ILE A 147 7.04 0.21 -8.78
C ILE A 147 6.12 1.37 -9.06
N GLU A 148 6.64 2.60 -9.01
CA GLU A 148 5.80 3.78 -9.30
C GLU A 148 5.39 3.76 -10.79
N ASP A 149 4.16 4.22 -11.03
N ASP A 149 4.17 4.20 -11.12
CA ASP A 149 3.72 4.64 -12.36
CA ASP A 149 3.86 4.52 -12.51
C ASP A 149 4.71 5.75 -12.79
C ASP A 149 4.64 5.79 -12.79
N LEU A 150 4.77 6.09 -14.08
CA LEU A 150 5.63 7.18 -14.52
C LEU A 150 5.16 8.47 -13.89
N HIS A 151 6.15 9.25 -13.42
CA HIS A 151 5.93 10.65 -13.05
C HIS A 151 6.40 11.50 -14.19
N ILE A 152 5.50 12.41 -14.57
CA ILE A 152 5.56 13.10 -15.85
C ILE A 152 5.43 14.61 -15.68
N VAL A 153 6.56 15.26 -15.94
CA VAL A 153 6.64 16.70 -16.23
C VAL A 153 7.40 16.88 -17.54
N ARG A 154 6.63 16.89 -18.61
CA ARG A 154 7.22 16.78 -19.96
C ARG A 154 8.24 17.89 -20.13
N PRO A 155 9.43 17.56 -20.63
CA PRO A 155 9.69 16.29 -21.31
C PRO A 155 10.30 15.19 -20.46
N HIS A 156 10.23 15.37 -19.16
CA HIS A 156 10.82 14.47 -18.13
C HIS A 156 9.85 13.43 -17.59
N PHE A 157 10.33 12.20 -17.60
CA PHE A 157 9.64 11.03 -17.05
C PHE A 157 10.57 10.31 -16.06
N ALA A 158 9.95 9.75 -15.02
CA ALA A 158 10.74 9.13 -13.95
C ALA A 158 9.90 8.06 -13.24
N THR A 159 10.58 7.05 -12.79
CA THR A 159 10.03 6.08 -11.82
C THR A 159 11.11 5.68 -10.79
N THR A 160 10.60 5.15 -9.69
CA THR A 160 11.34 4.71 -8.51
C THR A 160 10.81 3.33 -8.12
N VAL A 161 11.75 2.45 -7.87
CA VAL A 161 11.48 1.10 -7.46
C VAL A 161 12.16 0.84 -6.13
N SER A 162 11.39 0.23 -5.26
CA SER A 162 11.73 0.07 -3.87
C SER A 162 11.18 -1.25 -3.29
N TYR A 163 11.84 -1.64 -2.22
CA TYR A 163 11.38 -2.76 -1.39
C TYR A 163 11.23 -2.36 0.07
N GLU A 164 10.00 -2.48 0.57
CA GLU A 164 9.61 -2.09 1.96
C GLU A 164 10.22 -0.75 2.37
N GLY A 165 10.10 0.21 1.47
CA GLY A 165 10.52 1.57 1.75
C GLY A 165 11.93 1.94 1.32
N ASN A 166 12.67 0.92 0.92
CA ASN A 166 14.05 1.06 0.47
C ASN A 166 14.21 1.14 -1.05
N THR A 167 14.42 2.35 -1.55
CA THR A 167 14.79 2.58 -2.96
C THR A 167 15.99 1.76 -3.37
N PHE A 168 15.81 1.10 -4.51
CA PHE A 168 16.91 0.37 -5.21
C PHE A 168 17.13 0.62 -6.70
N LEU A 169 16.12 1.12 -7.40
CA LEU A 169 16.31 1.52 -8.79
C LEU A 169 15.62 2.89 -8.99
N ASN A 170 16.33 3.84 -9.61
CA ASN A 170 15.69 4.99 -10.20
C ASN A 170 15.89 4.98 -11.74
N ASP A 172 15.23 7.47 -15.24
CA ASP A 172 14.81 8.77 -15.79
C ASP A 172 14.93 8.79 -17.32
N PHE A 173 14.08 9.61 -17.92
CA PHE A 173 14.03 9.75 -19.39
C PHE A 173 13.59 11.11 -19.76
N GLU A 174 14.41 11.78 -20.56
CA GLU A 174 14.01 13.07 -21.19
C GLU A 174 13.78 12.89 -22.67
N ALA A 175 12.53 13.06 -23.06
CA ALA A 175 12.08 12.95 -24.46
C ALA A 175 12.64 14.11 -25.26
N THR A 176 13.27 13.74 -26.36
CA THR A 176 13.88 14.74 -27.25
C THR A 176 13.15 14.78 -28.59
N GLY A 177 12.34 13.78 -28.85
CA GLY A 177 11.52 13.76 -30.08
C GLY A 177 10.73 12.52 -30.37
N SER A 178 9.77 12.66 -31.28
CA SER A 178 8.98 11.51 -31.79
C SER A 178 9.78 10.72 -32.79
N ILE A 179 9.55 9.43 -32.77
CA ILE A 179 10.21 8.50 -33.68
C ILE A 179 9.18 8.17 -34.74
N THR A 180 9.57 8.40 -35.98
CA THR A 180 8.64 8.20 -37.10
C THR A 180 9.27 7.54 -38.32
N GLY A 181 8.42 7.44 -39.33
CA GLY A 181 8.76 6.78 -40.58
C GLY A 181 9.59 5.52 -40.46
N ARG A 182 10.73 5.51 -41.13
CA ARG A 182 11.46 4.27 -41.27
C ARG A 182 12.03 3.92 -39.92
N ASP A 183 12.22 4.95 -39.11
CA ASP A 183 12.82 4.75 -37.78
C ASP A 183 11.83 3.99 -36.90
N LEU A 184 10.58 4.34 -37.07
CA LEU A 184 9.47 3.75 -36.33
C LEU A 184 9.25 2.33 -36.82
N ASP A 185 9.33 2.11 -38.13
CA ASP A 185 9.25 0.74 -38.66
C ASP A 185 10.30 -0.17 -38.01
N ALA A 186 11.50 0.35 -37.81
CA ALA A 186 12.60 -0.49 -37.36
C ALA A 186 12.32 -0.86 -35.91
N LEU A 187 11.89 0.15 -35.17
CA LEU A 187 11.67 -0.02 -33.72
C LEU A 187 10.50 -0.98 -33.51
N LYS A 188 9.47 -0.83 -34.33
CA LYS A 188 8.33 -1.75 -34.29
C LYS A 188 8.75 -3.20 -34.49
N SER A 189 9.71 -3.38 -35.40
CA SER A 189 10.26 -4.72 -35.68
C SER A 189 11.01 -5.26 -34.50
N GLN A 190 11.79 -4.38 -33.88
CA GLN A 190 12.60 -4.77 -32.73
C GLN A 190 11.67 -5.34 -31.63
N PHE A 191 10.51 -4.70 -31.47
CA PHE A 191 9.60 -4.96 -30.33
C PHE A 191 8.57 -6.08 -30.57
N LEU A 192 8.19 -6.26 -31.83
CA LEU A 192 7.09 -7.19 -32.18
C LEU A 192 7.42 -8.64 -31.84
N THR A 193 8.67 -8.99 -32.07
CA THR A 193 9.08 -10.38 -31.85
C THR A 193 10.30 -10.41 -30.98
N ASN A 195 12.23 -13.09 -28.31
CA ASN A 195 12.47 -14.41 -27.71
C ASN A 195 12.95 -14.31 -26.26
N THR A 196 11.99 -14.32 -25.35
CA THR A 196 12.28 -14.18 -23.91
C THR A 196 12.69 -15.51 -23.41
N LEU A 197 13.86 -15.57 -22.78
CA LEU A 197 14.39 -16.81 -22.26
C LEU A 197 14.36 -16.84 -20.73
N GLY A 198 13.86 -17.96 -20.25
CA GLY A 198 13.84 -18.27 -18.82
C GLY A 198 14.56 -19.53 -18.41
N TRP A 199 14.59 -19.72 -17.11
CA TRP A 199 15.09 -20.95 -16.48
C TRP A 199 14.16 -21.37 -15.35
N ARG A 200 13.36 -22.39 -15.64
CA ARG A 200 12.41 -22.96 -14.66
C ARG A 200 13.14 -23.98 -13.81
N TYR A 201 13.31 -23.62 -12.54
CA TYR A 201 14.05 -24.39 -11.55
C TYR A 201 13.18 -24.53 -10.33
N ILE A 202 12.97 -25.78 -9.99
CA ILE A 202 12.27 -26.18 -8.78
C ILE A 202 13.20 -27.03 -7.87
N PRO A 203 13.38 -26.60 -6.61
CA PRO A 203 14.35 -27.28 -5.77
C PRO A 203 13.81 -28.61 -5.27
N LYS A 204 14.71 -29.51 -4.94
CA LYS A 204 14.28 -30.68 -4.26
C LYS A 204 13.77 -30.30 -2.91
N VAL A 205 12.92 -31.15 -2.37
CA VAL A 205 12.38 -30.96 -1.02
C VAL A 205 13.31 -31.56 0.00
N GLY A 206 13.84 -30.69 0.87
CA GLY A 206 14.65 -31.10 2.02
C GLY A 206 16.01 -31.66 1.69
N ALA A 207 16.51 -31.24 0.54
CA ALA A 207 17.80 -31.69 0.01
C ALA A 207 18.37 -30.71 -1.01
N PRO A 208 19.68 -30.69 -1.20
CA PRO A 208 20.26 -29.76 -2.17
C PRO A 208 19.89 -30.15 -3.58
N GLY A 209 19.89 -29.17 -4.48
CA GLY A 209 19.65 -29.43 -5.87
C GLY A 209 18.23 -29.33 -6.34
N ALA A 210 18.07 -29.74 -7.58
CA ALA A 210 16.84 -29.54 -8.36
C ALA A 210 16.03 -30.79 -8.57
N GLU A 211 14.73 -30.55 -8.49
CA GLU A 211 13.72 -31.54 -8.87
C GLU A 211 13.38 -31.35 -10.33
N LEU A 212 13.43 -30.09 -10.76
CA LEU A 212 13.12 -29.69 -12.15
C LEU A 212 14.05 -28.57 -12.55
N SER A 213 14.67 -28.71 -13.70
CA SER A 213 15.55 -27.64 -14.20
C SER A 213 15.63 -27.69 -15.71
N GLN A 214 15.05 -26.66 -16.31
CA GLN A 214 14.88 -26.59 -17.75
C GLN A 214 14.84 -25.17 -18.26
N PHE A 215 15.33 -24.97 -19.47
CA PHE A 215 15.30 -23.63 -20.03
C PHE A 215 14.01 -23.55 -20.84
N VAL A 216 13.47 -22.33 -20.87
CA VAL A 216 12.20 -22.04 -21.54
C VAL A 216 12.30 -20.82 -22.47
N LEU A 217 11.62 -20.92 -23.60
CA LEU A 217 11.44 -19.80 -24.52
C LEU A 217 9.96 -19.41 -24.50
N TYR A 218 9.72 -18.11 -24.38
CA TYR A 218 8.40 -17.55 -24.46
C TYR A 218 8.41 -16.49 -25.57
N PRO A 219 8.03 -16.88 -26.79
CA PRO A 219 7.97 -15.83 -27.79
C PRO A 219 6.88 -14.83 -27.48
N GLN A 220 7.29 -13.57 -27.44
CA GLN A 220 6.33 -12.45 -27.19
C GLN A 220 6.72 -11.16 -27.80
N GLY A 221 6.51 -10.10 -27.02
N GLY A 221 6.50 -10.11 -27.01
CA GLY A 221 6.76 -8.72 -27.47
CA GLY A 221 6.67 -8.73 -27.45
C GLY A 221 5.57 -7.77 -27.32
C GLY A 221 5.38 -7.96 -27.64
N GLU A 223 3.12 -4.72 -29.97
CA GLU A 223 2.85 -3.84 -31.11
C GLU A 223 3.01 -2.40 -30.68
N VAL A 224 4.09 -1.78 -31.10
CA VAL A 224 4.28 -0.34 -30.90
C VAL A 224 3.44 0.48 -31.87
N GLU A 225 2.77 1.49 -31.31
CA GLU A 225 1.92 2.43 -32.05
C GLU A 225 2.56 3.80 -32.19
N THR A 226 3.11 4.29 -31.08
CA THR A 226 3.81 5.55 -31.06
C THR A 226 5.00 5.43 -30.12
N ALA A 227 5.94 6.34 -30.33
CA ALA A 227 7.26 6.26 -29.70
C ALA A 227 8.03 7.56 -29.71
N GLU A 228 8.80 7.70 -28.64
CA GLU A 228 9.67 8.84 -28.43
C GLU A 228 11.06 8.36 -28.13
N VAL A 229 12.02 9.14 -28.62
CA VAL A 229 13.42 8.94 -28.35
C VAL A 229 13.85 9.98 -27.33
N GLY A 230 14.92 9.67 -26.63
CA GLY A 230 15.43 10.62 -25.64
C GLY A 230 16.65 10.18 -24.90
N LYS A 231 16.89 10.93 -23.83
CA LYS A 231 18.02 10.71 -22.98
C LYS A 231 17.59 9.96 -21.75
N GLY A 232 18.12 8.76 -21.66
CA GLY A 232 17.84 7.83 -20.53
C GLY A 232 18.99 7.67 -19.53
N SER A 233 18.60 7.43 -18.29
CA SER A 233 19.54 7.17 -17.17
C SER A 233 18.85 6.28 -16.12
N LEU A 234 19.68 5.48 -15.48
CA LEU A 234 19.28 4.60 -14.38
C LEU A 234 20.38 4.55 -13.33
N LYS A 235 19.95 4.32 -12.11
CA LYS A 235 20.85 4.24 -10.92
C LYS A 235 20.35 3.22 -9.96
N TRP A 236 21.28 2.37 -9.52
CA TRP A 236 21.00 1.33 -8.55
C TRP A 236 21.53 1.80 -7.21
N THR A 237 20.84 1.38 -6.15
CA THR A 237 21.21 1.64 -4.74
C THR A 237 21.30 0.33 -4.03
N GLU A 238 22.51 0.02 -3.62
CA GLU A 238 22.77 -1.25 -2.93
C GLU A 238 22.01 -1.27 -1.62
N LEU A 239 21.52 -2.46 -1.34
CA LEU A 239 20.74 -2.75 -0.12
C LEU A 239 21.39 -3.75 0.84
N THR A 240 21.03 -3.65 2.12
CA THR A 240 21.49 -4.61 3.15
C THR A 240 20.43 -5.69 3.39
N PRO A 241 20.85 -6.77 4.04
CA PRO A 241 19.93 -7.85 4.28
C PRO A 241 18.72 -7.43 5.07
N GLN A 243 17.33 -4.67 4.84
CA GLN A 243 16.47 -3.81 3.99
C GLN A 243 15.67 -4.60 2.93
N SER A 244 16.29 -5.63 2.39
CA SER A 244 15.68 -6.53 1.35
C SER A 244 16.27 -7.97 1.50
N PRO A 245 15.77 -8.69 2.48
CA PRO A 245 16.35 -9.95 2.95
C PRO A 245 16.36 -11.01 1.90
N ALA A 246 15.42 -10.91 0.95
CA ALA A 246 15.35 -11.96 -0.09
C ALA A 246 15.91 -11.59 -1.45
N GLN A 247 16.28 -10.32 -1.57
CA GLN A 247 16.75 -9.81 -2.85
C GLN A 247 18.01 -8.97 -2.80
N TYR A 248 18.58 -8.71 -1.60
CA TYR A 248 19.72 -7.77 -1.55
C TYR A 248 20.86 -8.16 -2.48
N TYR A 249 21.06 -9.45 -2.61
CA TYR A 249 22.20 -9.98 -3.39
C TYR A 249 21.99 -9.90 -4.91
N ILE A 250 20.73 -9.78 -5.29
CA ILE A 250 20.34 -9.57 -6.69
C ILE A 250 20.59 -8.13 -7.06
N VAL A 251 20.02 -7.25 -6.25
CA VAL A 251 20.27 -5.82 -6.40
C VAL A 251 21.72 -5.50 -6.44
N ASN A 252 22.47 -6.09 -5.52
CA ASN A 252 23.90 -5.72 -5.34
C ASN A 252 24.76 -6.26 -6.47
N SER A 253 24.36 -7.43 -6.98
CA SER A 253 24.96 -7.99 -8.21
C SER A 253 24.76 -7.07 -9.39
N LEU A 254 23.51 -6.64 -9.61
CA LEU A 254 23.22 -5.74 -10.74
C LEU A 254 23.95 -4.40 -10.59
N ALA A 255 24.04 -3.93 -9.36
CA ALA A 255 24.67 -2.63 -9.05
C ALA A 255 26.16 -2.66 -9.32
N SER A 256 26.70 -3.88 -9.32
CA SER A 256 28.14 -4.13 -9.47
C SER A 256 28.56 -4.06 -10.93
N LEU A 257 27.56 -4.05 -11.80
CA LEU A 257 27.80 -3.99 -13.26
C LEU A 257 28.00 -2.54 -13.70
N PRO A 258 29.24 -2.16 -14.01
CA PRO A 258 29.40 -0.74 -14.31
C PRO A 258 28.58 -0.30 -15.49
N ILE A 259 27.97 0.85 -15.35
CA ILE A 259 27.16 1.43 -16.45
C ILE A 259 28.02 2.35 -17.32
N LYS A 260 28.59 1.78 -18.38
CA LYS A 260 29.64 2.48 -19.12
C LYS A 260 29.03 3.50 -20.04
N ARG A 261 27.91 3.12 -20.60
CA ARG A 261 27.20 3.92 -21.60
C ARG A 261 25.74 3.51 -21.67
N VAL A 262 24.82 4.48 -21.73
CA VAL A 262 23.41 4.17 -22.10
C VAL A 262 23.26 4.18 -23.60
N THR A 263 23.01 2.98 -24.12
CA THR A 263 23.04 2.69 -25.57
C THR A 263 21.71 2.70 -26.31
N GLN A 264 20.61 2.63 -25.59
CA GLN A 264 19.29 2.88 -26.18
C GLN A 264 18.37 3.37 -25.10
N ALA A 265 17.54 4.33 -25.47
CA ALA A 265 16.47 4.91 -24.60
C ALA A 265 15.25 5.41 -25.36
N VAL A 266 14.18 4.63 -25.23
CA VAL A 266 12.92 4.87 -25.97
C VAL A 266 11.73 4.67 -25.05
N LEU A 267 10.71 5.44 -25.33
CA LEU A 267 9.44 5.43 -24.63
C LEU A 267 8.32 5.18 -25.65
N VAL A 268 7.70 4.02 -25.49
CA VAL A 268 6.76 3.44 -26.46
C VAL A 268 5.40 3.15 -25.84
N GLU A 269 4.39 3.30 -26.67
N GLU A 269 4.41 3.29 -26.67
CA GLU A 269 2.99 3.00 -26.34
CA GLU A 269 3.08 2.85 -26.32
C GLU A 269 2.30 2.22 -27.45
C GLU A 269 2.48 2.05 -27.46
N GLY A 270 1.59 1.20 -27.04
CA GLY A 270 0.80 0.37 -27.94
C GLY A 270 0.02 -0.70 -27.22
N ARG A 271 0.10 -1.88 -27.74
CA ARG A 271 -0.57 -3.02 -27.13
C ARG A 271 0.19 -4.32 -27.36
N ALA A 272 -0.25 -5.35 -26.65
CA ALA A 272 0.37 -6.70 -26.79
C ALA A 272 -0.67 -7.76 -26.95
N ILE A 273 -0.38 -8.69 -27.86
CA ILE A 273 -1.21 -9.88 -28.11
C ILE A 273 -0.30 -11.13 -28.14
N LEU A 274 -0.31 -11.84 -27.02
CA LEU A 274 0.68 -12.89 -26.72
C LEU A 274 0.02 -14.24 -26.73
N ARG A 275 0.68 -15.19 -27.42
CA ARG A 275 0.22 -16.58 -27.46
C ARG A 275 0.82 -17.34 -26.29
N ALA A 276 0.06 -17.46 -25.23
CA ALA A 276 0.59 -17.97 -23.94
C ALA A 276 1.04 -19.41 -24.05
N GLY A 278 2.38 -20.79 -26.50
CA GLY A 278 3.50 -20.87 -27.45
C GLY A 278 4.85 -21.01 -26.78
N ALA A 279 4.84 -20.82 -25.47
CA ALA A 279 6.05 -21.06 -24.69
C ALA A 279 6.38 -22.55 -24.81
N ARG A 280 7.68 -22.83 -24.90
CA ARG A 280 8.19 -24.20 -24.96
C ARG A 280 9.55 -24.33 -24.29
N VAL A 281 9.78 -25.56 -23.81
CA VAL A 281 11.07 -25.99 -23.28
C VAL A 281 12.07 -26.11 -24.42
N ILE A 282 13.24 -25.56 -24.19
CA ILE A 282 14.36 -25.59 -25.14
C ILE A 282 15.48 -26.44 -24.58
N GLU A 283 16.17 -27.10 -25.49
CA GLU A 283 17.19 -28.10 -25.17
C GLU A 283 18.30 -28.12 -26.19
N GLN B 18 17.03 33.54 20.72
CA GLN B 18 15.65 33.53 20.04
C GLN B 18 15.57 33.07 18.56
N GLY B 19 14.41 32.52 18.22
CA GLY B 19 14.19 31.98 16.87
C GLY B 19 14.22 33.03 15.79
N PHE B 21 12.89 32.57 12.54
CA PHE B 21 11.83 32.46 11.51
C PHE B 21 10.70 33.42 11.66
N ARG B 22 10.43 34.10 10.54
CA ARG B 22 9.28 34.97 10.43
C ARG B 22 8.67 34.84 9.03
N PRO B 23 7.36 34.61 8.94
CA PRO B 23 6.72 34.62 7.60
C PRO B 23 6.99 35.92 6.78
N GLN B 24 7.04 35.75 5.46
CA GLN B 24 7.12 36.87 4.49
C GLN B 24 5.75 37.34 4.10
N ASP B 25 5.63 38.65 3.95
CA ASP B 25 4.32 39.27 3.71
C ASP B 25 3.56 38.77 2.50
N ASP B 26 4.29 38.51 1.45
CA ASP B 26 3.63 38.28 0.15
C ASP B 26 3.64 36.82 -0.21
N PHE B 27 3.82 36.03 0.84
CA PHE B 27 3.95 34.56 0.73
C PHE B 27 2.68 33.85 1.19
N THR B 28 2.43 32.72 0.54
CA THR B 28 1.49 31.67 1.01
C THR B 28 2.20 30.45 1.67
N TYR B 29 1.55 29.93 2.70
CA TYR B 29 2.05 28.84 3.57
C TYR B 29 0.95 27.86 3.91
N LEU B 30 1.41 26.64 4.20
CA LEU B 30 0.67 25.59 4.92
C LEU B 30 1.59 25.10 6.02
N PRO B 32 3.95 22.74 8.01
CA PRO B 32 4.80 23.63 8.85
C PRO B 32 5.25 24.89 8.12
N VAL B 33 4.88 26.04 8.68
CA VAL B 33 5.14 27.35 8.07
C VAL B 33 6.63 27.66 8.11
N HIS B 34 7.29 27.16 9.13
CA HIS B 34 8.71 27.47 9.38
C HIS B 34 9.67 26.81 8.41
N PHE B 35 9.17 25.91 7.54
CA PHE B 35 9.98 25.36 6.46
C PHE B 35 9.80 26.11 5.15
N GLY B 36 9.09 27.24 5.24
CA GLY B 36 8.90 28.14 4.08
C GLY B 36 7.66 27.93 3.25
N GLY B 37 7.51 28.81 2.27
CA GLY B 37 6.35 28.77 1.37
C GLY B 37 6.68 29.27 0.00
N GLY B 38 5.67 29.81 -0.67
CA GLY B 38 5.83 30.37 -2.04
C GLY B 38 5.26 31.75 -2.19
N LYS B 39 5.86 32.59 -3.04
CA LYS B 39 5.32 33.95 -3.26
C LYS B 39 3.96 33.78 -3.92
N PHE B 40 3.04 34.62 -3.47
CA PHE B 40 1.67 34.69 -4.02
C PHE B 40 1.70 35.07 -5.48
N ASP B 41 0.89 34.35 -6.24
CA ASP B 41 0.72 34.65 -7.65
C ASP B 41 -0.78 34.50 -7.94
N PRO B 42 -1.42 35.59 -8.36
CA PRO B 42 -2.86 35.44 -8.59
C PRO B 42 -3.20 34.43 -9.67
N GLU B 43 -2.24 34.12 -10.51
CA GLU B 43 -2.45 33.18 -11.64
C GLU B 43 -1.81 31.82 -11.36
N THR B 44 -1.63 31.50 -10.09
CA THR B 44 -1.23 30.11 -9.72
C THR B 44 -2.22 29.12 -10.31
N LEU B 45 -1.72 28.17 -11.09
CA LEU B 45 -2.58 27.17 -11.75
C LEU B 45 -2.35 25.78 -11.21
N VAL B 46 -3.45 25.04 -11.22
CA VAL B 46 -3.46 23.58 -11.23
C VAL B 46 -3.72 23.07 -12.66
N THR B 47 -2.76 22.33 -13.18
CA THR B 47 -2.88 21.65 -14.49
C THR B 47 -2.64 20.13 -14.34
N GLN B 48 -3.47 19.38 -15.05
CA GLN B 48 -3.48 17.90 -15.01
C GLN B 48 -4.32 17.31 -16.11
N LYS B 49 -3.95 16.10 -16.51
CA LYS B 49 -4.83 15.22 -17.29
C LYS B 49 -5.92 14.66 -16.38
N ALA B 50 -7.10 14.37 -16.92
CA ALA B 50 -8.27 13.94 -16.12
C ALA B 50 -9.17 12.99 -16.86
N THR B 51 -9.53 11.95 -16.12
CA THR B 51 -10.58 11.02 -16.48
C THR B 51 -11.64 11.15 -15.39
N ALA B 52 -12.90 11.11 -15.76
CA ALA B 52 -14.00 11.17 -14.74
C ALA B 52 -15.11 10.27 -15.14
N LEU B 53 -15.54 9.50 -14.16
CA LEU B 53 -16.73 8.71 -14.30
C LEU B 53 -17.74 9.36 -13.38
N SER B 54 -18.70 10.05 -13.99
N SER B 54 -18.70 10.04 -13.98
CA SER B 54 -19.64 10.91 -13.26
CA SER B 54 -19.62 10.88 -13.21
C SER B 54 -21.06 10.35 -13.27
C SER B 54 -21.05 10.37 -13.27
N LEU B 55 -21.56 10.12 -12.07
CA LEU B 55 -22.95 9.64 -11.86
C LEU B 55 -23.77 10.68 -11.13
N SER B 56 -25.07 10.64 -11.39
CA SER B 56 -26.03 11.22 -10.48
C SER B 56 -27.15 10.26 -10.23
N PHE B 57 -27.66 10.34 -9.01
CA PHE B 57 -28.86 9.60 -8.63
C PHE B 57 -29.88 10.43 -7.93
N GLU B 58 -31.14 10.08 -8.20
CA GLU B 58 -32.34 10.68 -7.55
C GLU B 58 -32.62 9.98 -6.21
N THR B 59 -32.88 10.80 -5.22
CA THR B 59 -33.16 10.31 -3.89
C THR B 59 -34.30 11.06 -3.23
N GLU B 60 -34.42 10.88 -1.93
N GLU B 60 -34.41 10.91 -1.93
CA GLU B 60 -35.46 11.57 -1.13
CA GLU B 60 -35.50 11.55 -1.17
C GLU B 60 -34.98 12.95 -0.73
C GLU B 60 -35.07 12.90 -0.62
N ARG B 61 -35.78 13.95 -1.06
CA ARG B 61 -35.46 15.32 -0.67
C ARG B 61 -35.22 15.46 0.83
N ASP B 62 -36.15 14.99 1.65
CA ASP B 62 -36.10 15.41 3.06
C ASP B 62 -34.91 14.82 3.78
N LEU B 63 -34.51 13.63 3.32
CA LEU B 63 -33.34 12.97 3.90
C LEU B 63 -32.05 13.68 3.51
N LEU B 64 -31.97 14.09 2.25
CA LEU B 64 -30.73 14.75 1.76
C LEU B 64 -30.60 16.12 2.43
N GLU B 65 -31.76 16.75 2.66
CA GLU B 65 -31.75 18.08 3.30
C GLU B 65 -31.12 18.12 4.70
N ASN B 66 -31.10 16.96 5.35
CA ASN B 66 -30.52 16.83 6.70
C ASN B 66 -29.03 17.11 6.74
N TYR B 67 -28.40 17.03 5.57
CA TYR B 67 -26.93 17.20 5.46
C TYR B 67 -26.48 18.47 4.75
N ILE B 68 -27.46 19.27 4.38
CA ILE B 68 -27.24 20.57 3.75
C ILE B 68 -27.34 21.67 4.86
N PRO B 69 -26.28 22.46 5.01
CA PRO B 69 -26.35 23.58 5.95
C PRO B 69 -27.47 24.58 5.63
N GLU B 70 -28.09 25.07 6.69
CA GLU B 70 -28.92 26.25 6.60
C GLU B 70 -28.16 27.32 5.84
N GLY B 71 -28.88 28.03 5.01
CA GLY B 71 -28.24 29.07 4.17
C GLY B 71 -28.09 28.64 2.72
N PHE B 72 -28.07 27.32 2.52
CA PHE B 72 -28.15 26.70 1.23
C PHE B 72 -29.57 26.17 0.97
N GLU B 73 -29.97 26.26 -0.26
CA GLU B 73 -31.21 25.61 -0.70
C GLU B 73 -30.87 24.48 -1.66
N LEU B 74 -31.36 23.31 -1.33
CA LEU B 74 -31.21 22.12 -2.20
C LEU B 74 -32.12 22.21 -3.40
N LEU B 75 -31.52 22.26 -4.59
CA LEU B 75 -32.26 22.59 -5.83
C LEU B 75 -32.89 21.41 -6.53
N ALA B 76 -32.47 20.19 -6.17
CA ALA B 76 -33.04 18.92 -6.71
C ALA B 76 -32.77 17.78 -5.71
N PRO B 77 -33.58 16.73 -5.73
CA PRO B 77 -33.35 15.58 -4.84
C PRO B 77 -32.34 14.61 -5.45
N GLU B 78 -31.12 15.10 -5.54
CA GLU B 78 -30.07 14.48 -6.34
C GLU B 78 -28.71 14.54 -5.63
N VAL B 79 -28.03 13.40 -5.71
CA VAL B 79 -26.64 13.22 -5.28
C VAL B 79 -25.77 12.93 -6.48
N GLN B 80 -24.67 13.67 -6.60
CA GLN B 80 -23.72 13.47 -7.69
C GLN B 80 -22.51 12.78 -7.08
N VAL B 81 -22.11 11.69 -7.73
CA VAL B 81 -20.97 10.86 -7.34
C VAL B 81 -20.08 10.59 -8.58
N ALA B 82 -18.81 10.97 -8.47
CA ALA B 82 -17.87 10.94 -9.60
C ALA B 82 -16.51 10.46 -9.15
N PHE B 83 -16.05 9.43 -9.84
CA PHE B 83 -14.62 9.02 -9.80
C PHE B 83 -13.86 9.94 -10.72
N ASN B 84 -12.75 10.45 -10.21
CA ASN B 84 -11.80 11.21 -11.03
C ASN B 84 -10.41 10.64 -10.83
N LYS B 85 -9.68 10.60 -11.95
N LYS B 85 -9.69 10.51 -11.95
CA LYS B 85 -8.26 10.30 -11.93
CA LYS B 85 -8.23 10.32 -11.88
C LYS B 85 -7.44 11.43 -12.58
C LYS B 85 -7.50 11.49 -12.53
N PHE B 86 -6.53 12.00 -11.79
CA PHE B 86 -5.65 13.09 -12.21
C PHE B 86 -4.26 12.53 -12.42
N THR B 87 -3.64 12.87 -13.55
CA THR B 87 -2.25 12.52 -13.84
C THR B 87 -1.46 13.70 -14.38
N GLU B 88 -0.16 13.59 -14.30
CA GLU B 88 0.69 14.60 -14.89
C GLU B 88 0.38 15.93 -14.24
N ILE B 89 0.20 15.85 -12.92
CA ILE B 89 -0.22 16.99 -12.07
C ILE B 89 0.95 17.97 -11.79
N ASN B 90 0.77 19.23 -12.16
CA ASN B 90 1.88 20.16 -12.05
C ASN B 90 2.42 20.38 -10.65
N TRP B 91 1.53 20.58 -9.72
CA TRP B 91 1.95 21.01 -8.37
C TRP B 91 2.46 19.81 -7.58
N LEU B 92 2.19 18.62 -8.13
CA LEU B 92 2.80 17.38 -7.61
C LEU B 92 3.95 16.87 -8.50
N HIS B 93 4.43 17.79 -9.30
CA HIS B 93 5.61 17.55 -10.15
C HIS B 93 5.51 16.22 -10.84
N GLY B 94 4.33 16.03 -11.42
CA GLY B 94 4.03 14.98 -12.39
C GLY B 94 3.42 13.74 -11.80
N GLY B 95 3.10 13.88 -10.53
CA GLY B 95 2.32 12.89 -9.78
C GLY B 95 0.87 12.70 -10.18
N GLN B 96 0.25 11.76 -9.48
N GLN B 96 0.21 11.88 -9.37
CA GLN B 96 -1.17 11.41 -9.67
CA GLN B 96 -1.15 11.39 -9.65
C GLN B 96 -1.88 10.98 -8.40
C GLN B 96 -1.89 10.92 -8.42
N TYR B 97 -3.20 11.08 -8.50
CA TYR B 97 -4.14 10.55 -7.51
C TYR B 97 -5.57 10.47 -8.02
N ASN B 98 -6.32 9.67 -7.28
CA ASN B 98 -7.69 9.35 -7.54
C ASN B 98 -8.54 10.01 -6.50
N LEU B 99 -9.78 10.30 -6.87
CA LEU B 99 -10.79 10.69 -5.90
C LEU B 99 -12.19 10.32 -6.26
N ILE B 100 -13.00 10.41 -5.23
CA ILE B 100 -14.45 10.28 -5.32
C ILE B 100 -15.09 11.53 -4.78
N ASN B 101 -15.83 12.21 -5.64
CA ASN B 101 -16.49 13.43 -5.24
C ASN B 101 -17.95 13.12 -5.00
N VAL B 102 -18.45 13.57 -3.86
CA VAL B 102 -19.90 13.42 -3.51
C VAL B 102 -20.47 14.80 -3.26
N ALA B 103 -21.48 15.20 -4.05
CA ALA B 103 -22.08 16.57 -3.96
C ALA B 103 -23.56 16.59 -4.28
N ALA B 104 -24.14 17.73 -3.95
CA ALA B 104 -25.55 18.01 -4.24
C ALA B 104 -25.70 19.43 -4.77
N PRO B 105 -26.62 19.62 -5.74
CA PRO B 105 -26.92 20.93 -6.28
C PRO B 105 -27.69 21.83 -5.32
N VAL B 106 -27.12 23.02 -5.12
CA VAL B 106 -27.66 24.04 -4.19
C VAL B 106 -27.57 25.41 -4.77
N ARG B 107 -28.34 26.30 -4.15
CA ARG B 107 -28.20 27.72 -4.28
C ARG B 107 -27.79 28.29 -2.90
N PHE B 108 -26.73 29.08 -2.90
CA PHE B 108 -26.29 29.76 -1.70
C PHE B 108 -27.06 31.05 -1.65
N HIS B 109 -27.73 31.22 -0.53
CA HIS B 109 -28.50 32.42 -0.21
C HIS B 109 -27.78 33.30 0.81
N GLY B 110 -26.79 34.05 0.36
CA GLY B 110 -25.87 34.74 1.29
C GLY B 110 -26.36 36.15 1.56
N LYS B 111 -25.74 36.80 2.54
CA LYS B 111 -26.08 38.18 2.84
C LYS B 111 -25.41 39.02 1.79
N LYS B 112 -24.41 38.43 1.17
CA LYS B 112 -23.60 39.15 0.18
C LYS B 112 -23.55 38.50 -1.19
N ASP B 113 -23.44 37.19 -1.15
CA ASP B 113 -23.26 36.41 -2.37
C ASP B 113 -24.48 35.53 -2.51
N GLU B 114 -24.94 35.47 -3.75
N GLU B 114 -25.03 35.53 -3.73
CA GLU B 114 -26.02 34.60 -4.16
CA GLU B 114 -26.04 34.55 -4.13
C GLU B 114 -25.64 33.92 -5.45
C GLU B 114 -25.61 33.91 -5.43
N LEU B 115 -25.52 32.61 -5.35
CA LEU B 115 -25.06 31.81 -6.48
C LEU B 115 -25.46 30.35 -6.35
N ASP B 116 -25.32 29.64 -7.46
CA ASP B 116 -25.67 28.23 -7.53
C ASP B 116 -24.38 27.46 -7.69
N GLY B 117 -24.37 26.27 -7.16
CA GLY B 117 -23.19 25.41 -7.33
C GLY B 117 -23.44 24.04 -6.75
N ALA B 118 -22.35 23.32 -6.48
CA ALA B 118 -22.46 21.96 -5.92
C ALA B 118 -21.90 21.97 -4.52
N TYR B 119 -22.75 21.67 -3.57
CA TYR B 119 -22.31 21.56 -2.15
C TYR B 119 -21.61 20.23 -1.96
N THR B 120 -20.34 20.34 -1.54
CA THR B 120 -19.51 19.15 -1.43
C THR B 120 -19.86 18.47 -0.10
N LEU B 121 -20.43 17.28 -0.22
CA LEU B 121 -20.78 16.48 0.95
C LEU B 121 -19.53 15.78 1.56
N VAL B 122 -18.73 15.24 0.67
CA VAL B 122 -17.49 14.53 1.06
C VAL B 122 -16.65 14.24 -0.19
N VAL B 123 -15.32 14.25 -0.04
CA VAL B 123 -14.42 13.79 -1.12
C VAL B 123 -13.47 12.81 -0.50
N TRP B 124 -13.41 11.61 -1.07
CA TRP B 124 -12.35 10.62 -0.73
C TRP B 124 -11.20 10.84 -1.70
N GLU B 125 -9.96 10.90 -1.21
CA GLU B 125 -8.76 10.87 -2.09
C GLU B 125 -7.83 9.81 -1.56
N ASN B 126 -6.96 9.33 -2.42
CA ASN B 126 -6.03 8.27 -2.05
C ASN B 126 -4.59 8.83 -1.93
N LYS B 127 -4.51 10.12 -1.66
CA LYS B 127 -3.22 10.76 -1.41
C LYS B 127 -3.39 11.91 -0.39
N THR B 128 -2.52 12.00 0.63
CA THR B 128 -2.72 13.05 1.70
C THR B 128 -2.49 14.51 1.30
N ALA B 129 -1.51 14.75 0.42
CA ALA B 129 -1.17 16.11 -0.01
C ALA B 129 -2.42 16.90 -0.44
N PRO B 130 -3.25 16.38 -1.39
CA PRO B 130 -4.44 17.14 -1.81
C PRO B 130 -5.54 17.21 -0.79
N ILE B 131 -5.52 16.22 0.08
CA ILE B 131 -6.49 16.19 1.20
C ILE B 131 -6.23 17.41 2.15
N LEU B 132 -4.95 17.65 2.52
CA LEU B 132 -4.58 18.77 3.42
C LEU B 132 -4.84 20.07 2.73
N GLY B 133 -4.47 20.14 1.47
CA GLY B 133 -4.62 21.40 0.75
C GLY B 133 -6.07 21.77 0.58
N GLY B 134 -6.87 20.81 0.15
CA GLY B 134 -8.28 21.08 -0.05
C GLY B 134 -9.03 21.51 1.19
N ARG B 135 -8.76 20.82 2.30
CA ARG B 135 -9.42 21.12 3.58
C ARG B 135 -8.98 22.52 4.03
N GLU B 136 -7.64 22.78 4.05
CA GLU B 136 -7.10 23.97 4.72
C GLU B 136 -7.15 25.26 3.90
N GLN B 137 -7.18 25.08 2.60
CA GLN B 137 -7.12 26.21 1.69
C GLN B 137 -8.48 26.62 1.26
N THR B 138 -9.38 25.65 1.19
N THR B 138 -9.37 25.63 1.24
CA THR B 138 -10.70 25.88 0.56
CA THR B 138 -10.64 25.72 0.48
C THR B 138 -11.95 25.29 1.22
C THR B 138 -11.92 25.24 1.19
N GLY B 139 -11.77 24.58 2.33
CA GLY B 139 -12.90 23.97 3.06
C GLY B 139 -13.59 22.82 2.34
N ILE B 140 -12.82 22.13 1.49
CA ILE B 140 -13.40 20.98 0.79
C ILE B 140 -13.21 19.81 1.75
N PRO B 141 -14.31 19.12 2.09
CA PRO B 141 -14.22 18.07 3.12
C PRO B 141 -13.61 16.74 2.62
N LYS B 142 -12.31 16.81 2.41
CA LYS B 142 -11.53 15.69 1.91
C LYS B 142 -11.04 14.77 3.00
N ILE B 143 -11.23 13.49 2.74
CA ILE B 143 -10.80 12.39 3.62
C ILE B 143 -10.16 11.25 2.83
N TYR B 144 -9.49 10.36 3.54
CA TYR B 144 -8.77 9.26 2.89
C TYR B 144 -9.53 7.94 2.68
N ALA B 145 -9.34 7.38 1.47
CA ALA B 145 -9.71 5.98 1.14
C ALA B 145 -8.81 5.48 0.06
N ASP B 146 -8.64 4.15 0.06
CA ASP B 146 -7.95 3.47 -1.05
C ASP B 146 -8.98 3.46 -2.20
N ILE B 147 -8.55 3.92 -3.36
CA ILE B 147 -9.39 3.99 -4.54
C ILE B 147 -8.70 3.32 -5.70
N GLU B 148 -9.32 2.25 -6.22
CA GLU B 148 -8.80 1.57 -7.43
C GLU B 148 -8.88 2.47 -8.66
N ASP B 149 -7.86 2.38 -9.49
CA ASP B 149 -7.94 2.86 -10.87
C ASP B 149 -9.09 2.07 -11.51
N LEU B 150 -9.63 2.58 -12.61
CA LEU B 150 -10.66 1.84 -13.30
C LEU B 150 -10.09 0.46 -13.68
N HIS B 151 -10.90 -0.54 -13.43
CA HIS B 151 -10.73 -1.86 -14.04
C HIS B 151 -11.58 -1.93 -15.32
N ILE B 152 -10.97 -2.39 -16.42
CA ILE B 152 -11.54 -2.16 -17.75
C ILE B 152 -11.56 -3.43 -18.62
N VAL B 153 -12.79 -3.86 -18.90
CA VAL B 153 -13.05 -4.93 -19.86
C VAL B 153 -14.20 -4.45 -20.75
N ARG B 154 -13.83 -3.73 -21.80
CA ARG B 154 -14.79 -2.90 -22.55
C ARG B 154 -15.94 -3.78 -22.99
N PRO B 155 -17.18 -3.29 -22.86
CA PRO B 155 -17.57 -1.94 -22.52
C PRO B 155 -17.75 -1.69 -21.03
N HIS B 156 -17.21 -2.59 -20.22
CA HIS B 156 -17.40 -2.49 -18.74
C HIS B 156 -16.22 -1.86 -18.01
N PHE B 157 -16.59 -0.96 -17.12
CA PHE B 157 -15.60 -0.21 -16.33
C PHE B 157 -16.02 -0.27 -14.86
N ALA B 158 -15.06 -0.41 -13.96
CA ALA B 158 -15.44 -0.50 -12.52
C ALA B 158 -14.36 0.01 -11.60
N THR B 159 -14.79 0.49 -10.45
CA THR B 159 -13.83 0.78 -9.37
C THR B 159 -14.40 0.33 -8.01
N THR B 160 -13.49 0.19 -7.06
CA THR B 160 -13.82 -0.17 -5.68
C THR B 160 -13.06 0.76 -4.74
N VAL B 161 -13.82 1.22 -3.75
CA VAL B 161 -13.38 2.23 -2.76
C VAL B 161 -13.46 1.54 -1.39
N SER B 162 -12.37 1.56 -0.64
CA SER B 162 -12.30 0.85 0.62
C SER B 162 -11.52 1.64 1.68
N TYR B 163 -11.71 1.24 2.93
CA TYR B 163 -10.91 1.72 4.08
C TYR B 163 -10.31 0.60 4.96
N GLU B 164 -8.99 0.53 4.95
CA GLU B 164 -8.26 -0.55 5.65
C GLU B 164 -8.90 -1.92 5.38
N GLY B 165 -9.13 -2.18 4.10
CA GLY B 165 -9.54 -3.52 3.66
C GLY B 165 -11.02 -3.72 3.58
N ASN B 166 -11.74 -2.73 4.09
CA ASN B 166 -13.19 -2.78 4.18
C ASN B 166 -13.85 -1.99 3.03
N THR B 167 -14.39 -2.74 2.08
CA THR B 167 -15.14 -2.12 0.96
C THR B 167 -16.35 -1.30 1.42
N PHE B 168 -16.48 -0.08 0.87
CA PHE B 168 -17.66 0.73 1.20
C PHE B 168 -18.37 1.32 -0.01
N LEU B 169 -17.67 1.37 -1.12
CA LEU B 169 -18.28 1.88 -2.40
C LEU B 169 -17.77 1.09 -3.58
N ASN B 170 -18.74 0.59 -4.36
CA ASN B 170 -18.49 0.00 -5.68
C ASN B 170 -19.16 0.94 -6.71
N ASP B 172 -19.89 1.03 -11.07
CA ASP B 172 -19.86 0.27 -12.32
C ASP B 172 -20.45 1.09 -13.45
N PHE B 173 -19.86 0.94 -14.62
CA PHE B 173 -20.32 1.65 -15.81
C PHE B 173 -20.14 0.80 -17.06
N GLU B 174 -21.24 0.68 -17.81
CA GLU B 174 -21.22 0.07 -19.15
C GLU B 174 -21.39 1.12 -20.24
N ALA B 175 -20.36 1.29 -21.03
CA ALA B 175 -20.36 2.27 -22.11
C ALA B 175 -21.35 1.78 -23.16
N THR B 176 -22.23 2.66 -23.60
CA THR B 176 -23.23 2.31 -24.66
C THR B 176 -23.11 3.16 -25.93
N GLY B 177 -22.30 4.19 -25.87
CA GLY B 177 -22.14 5.07 -27.05
C GLY B 177 -21.19 6.20 -26.84
N SER B 178 -20.54 6.62 -27.90
CA SER B 178 -19.74 7.84 -27.85
C SER B 178 -20.65 9.03 -28.03
N ILE B 179 -20.35 10.07 -27.28
CA ILE B 179 -21.04 11.36 -27.39
C ILE B 179 -20.26 12.25 -28.37
N THR B 180 -20.96 12.64 -29.43
CA THR B 180 -20.32 13.40 -30.48
C THR B 180 -21.13 14.61 -30.88
N GLY B 181 -20.48 15.38 -31.72
CA GLY B 181 -21.07 16.60 -32.31
C GLY B 181 -21.77 17.52 -31.35
N ARG B 182 -23.00 17.85 -31.70
CA ARG B 182 -23.69 18.88 -30.95
C ARG B 182 -23.83 18.50 -29.49
N ASP B 183 -24.12 17.24 -29.25
CA ASP B 183 -24.31 16.80 -27.86
C ASP B 183 -22.97 16.81 -27.08
N LEU B 184 -21.88 16.60 -27.82
CA LEU B 184 -20.54 16.65 -27.19
C LEU B 184 -20.23 18.10 -26.84
N ASP B 185 -20.72 18.99 -27.68
CA ASP B 185 -20.53 20.43 -27.48
C ASP B 185 -21.23 20.85 -26.23
N ALA B 186 -22.43 20.30 -26.02
CA ALA B 186 -23.22 20.59 -24.81
C ALA B 186 -22.48 20.13 -23.55
N LEU B 187 -22.00 18.90 -23.59
CA LEU B 187 -21.32 18.30 -22.43
C LEU B 187 -20.06 19.11 -22.07
N LYS B 188 -19.30 19.45 -23.08
CA LYS B 188 -18.09 20.25 -22.86
C LYS B 188 -18.44 21.50 -22.05
N SER B 189 -19.64 22.03 -22.27
CA SER B 189 -20.02 23.35 -21.72
C SER B 189 -20.36 23.24 -20.27
N GLN B 190 -21.15 22.23 -20.07
CA GLN B 190 -21.56 21.87 -18.75
C GLN B 190 -20.35 21.66 -17.86
N PHE B 191 -19.27 21.16 -18.46
CA PHE B 191 -18.11 20.71 -17.68
C PHE B 191 -17.07 21.84 -17.51
N LEU B 192 -17.14 22.81 -18.38
CA LEU B 192 -16.14 23.89 -18.40
C LEU B 192 -16.22 24.74 -17.13
N THR B 193 -17.44 24.86 -16.61
CA THR B 193 -17.74 25.74 -15.46
C THR B 193 -18.54 25.03 -14.40
N ASN B 195 -19.08 25.39 -10.08
CA ASN B 195 -18.96 26.17 -8.85
C ASN B 195 -18.96 25.22 -7.68
N THR B 196 -17.76 24.87 -7.24
CA THR B 196 -17.62 23.96 -6.09
C THR B 196 -17.67 24.72 -4.80
N LEU B 197 -18.55 24.25 -3.92
CA LEU B 197 -18.89 24.87 -2.66
C LEU B 197 -18.46 23.99 -1.51
N GLY B 198 -17.83 24.69 -0.59
CA GLY B 198 -17.28 24.08 0.58
C GLY B 198 -17.51 24.87 1.84
N TRP B 199 -17.07 24.25 2.90
CA TRP B 199 -17.21 24.82 4.24
C TRP B 199 -15.94 24.62 5.05
N ARG B 200 -15.21 25.73 5.21
CA ARG B 200 -13.99 25.75 5.99
C ARG B 200 -14.31 25.98 7.46
N TYR B 201 -14.10 24.92 8.21
CA TYR B 201 -14.36 24.85 9.64
C TYR B 201 -13.12 24.39 10.40
N ILE B 202 -12.74 25.16 11.38
CA ILE B 202 -11.58 24.81 12.24
C ILE B 202 -12.09 24.87 13.67
N PRO B 203 -11.99 23.76 14.42
CA PRO B 203 -12.53 23.72 15.78
C PRO B 203 -11.74 24.55 16.80
N LYS B 204 -12.42 25.01 17.83
CA LYS B 204 -11.68 25.63 18.95
C LYS B 204 -10.77 24.60 19.60
N VAL B 205 -9.71 25.09 20.22
CA VAL B 205 -8.80 24.20 20.94
C VAL B 205 -9.36 23.98 22.34
N GLY B 206 -9.67 22.73 22.61
CA GLY B 206 -10.07 22.25 23.94
C GLY B 206 -11.39 22.77 24.43
N ALA B 207 -12.22 23.16 23.48
CA ALA B 207 -13.56 23.69 23.75
C ALA B 207 -14.48 23.32 22.60
N PRO B 208 -15.79 23.28 22.84
CA PRO B 208 -16.73 23.08 21.73
C PRO B 208 -16.83 24.30 20.83
N GLY B 209 -17.23 24.05 19.60
CA GLY B 209 -17.42 25.10 18.60
C GLY B 209 -16.25 25.44 17.73
N ALA B 210 -16.43 26.53 17.00
CA ALA B 210 -15.50 26.91 15.97
C ALA B 210 -14.58 28.09 16.35
N GLU B 211 -13.35 27.96 15.92
CA GLU B 211 -12.44 29.08 15.86
C GLU B 211 -12.64 29.81 14.51
N LEU B 212 -12.92 29.02 13.47
CA LEU B 212 -13.11 29.51 12.12
C LEU B 212 -14.25 28.75 11.46
N SER B 213 -15.17 29.48 10.84
CA SER B 213 -16.32 28.85 10.14
C SER B 213 -16.81 29.72 9.02
N GLN B 214 -16.51 29.31 7.80
CA GLN B 214 -16.93 30.10 6.63
C GLN B 214 -17.16 29.23 5.40
N PHE B 215 -18.07 29.68 4.55
CA PHE B 215 -18.33 28.98 3.30
C PHE B 215 -17.39 29.49 2.23
N VAL B 216 -17.05 28.60 1.31
CA VAL B 216 -16.08 28.88 0.26
C VAL B 216 -16.55 28.41 -1.10
N LEU B 217 -16.23 29.25 -2.06
CA LEU B 217 -16.34 28.92 -3.49
C LEU B 217 -14.99 28.67 -4.17
N TYR B 218 -14.90 27.54 -4.85
CA TYR B 218 -13.77 27.19 -5.74
C TYR B 218 -14.34 27.06 -7.16
N PRO B 219 -14.25 28.14 -7.97
CA PRO B 219 -14.63 27.98 -9.37
C PRO B 219 -13.67 27.06 -10.13
N GLN B 220 -14.22 25.97 -10.66
CA GLN B 220 -13.39 25.07 -11.45
C GLN B 220 -14.12 24.46 -12.65
N GLY B 221 -13.62 23.33 -13.10
CA GLY B 221 -14.11 22.73 -14.34
C GLY B 221 -13.00 22.20 -15.22
N GLU B 223 -11.68 20.58 -19.22
CA GLU B 223 -11.75 20.56 -20.67
C GLU B 223 -11.88 19.15 -21.18
N VAL B 224 -13.11 18.78 -21.55
CA VAL B 224 -13.43 17.42 -22.02
C VAL B 224 -13.04 17.29 -23.48
N GLU B 225 -12.32 16.22 -23.75
N GLU B 225 -12.33 16.22 -23.76
CA GLU B 225 -11.86 15.90 -25.10
CA GLU B 225 -11.86 15.90 -25.10
C GLU B 225 -12.78 14.85 -25.74
C GLU B 225 -12.78 14.85 -25.74
N THR B 226 -13.02 13.78 -25.00
CA THR B 226 -13.92 12.70 -25.44
C THR B 226 -14.85 12.26 -24.31
N ALA B 227 -15.99 11.71 -24.71
CA ALA B 227 -17.06 11.30 -23.77
C ALA B 227 -17.88 10.14 -24.25
N GLU B 228 -18.17 9.26 -23.33
CA GLU B 228 -19.05 8.11 -23.56
C GLU B 228 -20.19 8.19 -22.56
N VAL B 229 -21.36 7.88 -23.09
CA VAL B 229 -22.58 7.66 -22.31
C VAL B 229 -22.78 6.19 -22.09
N GLY B 230 -23.53 5.89 -21.05
CA GLY B 230 -23.80 4.50 -20.71
C GLY B 230 -24.65 4.29 -19.49
N LYS B 231 -24.66 3.05 -19.03
CA LYS B 231 -25.39 2.60 -17.83
C LYS B 231 -24.53 2.52 -16.58
N GLY B 232 -24.86 3.41 -15.64
CA GLY B 232 -24.13 3.53 -14.37
C GLY B 232 -24.85 2.87 -13.20
N SER B 233 -24.07 2.30 -12.29
CA SER B 233 -24.59 1.86 -10.99
C SER B 233 -23.54 2.08 -9.87
N LEU B 234 -24.06 2.17 -8.68
CA LEU B 234 -23.21 2.30 -7.44
C LEU B 234 -23.87 1.63 -6.28
N LYS B 235 -23.07 1.23 -5.33
CA LYS B 235 -23.55 0.56 -4.13
C LYS B 235 -22.63 0.92 -2.97
N TRP B 236 -23.25 1.41 -1.89
CA TRP B 236 -22.66 1.70 -0.55
C TRP B 236 -22.74 0.47 0.33
N THR B 237 -21.66 0.21 1.06
CA THR B 237 -21.66 -0.82 2.07
C THR B 237 -21.38 -0.23 3.46
N GLU B 238 -22.35 -0.43 4.35
CA GLU B 238 -22.29 0.08 5.70
C GLU B 238 -21.12 -0.47 6.46
N LEU B 239 -20.50 0.42 7.23
CA LEU B 239 -19.28 0.08 7.99
C LEU B 239 -19.51 0.25 9.48
N THR B 240 -18.82 -0.56 10.28
CA THR B 240 -18.90 -0.44 11.74
C THR B 240 -17.72 0.45 12.19
N PRO B 241 -17.72 0.91 13.42
CA PRO B 241 -16.67 1.78 13.92
C PRO B 241 -15.30 1.10 13.92
N GLN B 243 -14.34 -1.04 11.67
CA GLN B 243 -13.94 -1.03 10.24
C GLN B 243 -13.43 0.35 9.76
N SER B 244 -14.13 1.44 10.11
CA SER B 244 -13.76 2.80 9.64
C SER B 244 -14.07 3.78 10.75
N PRO B 245 -13.17 3.84 11.72
CA PRO B 245 -13.51 4.48 12.97
C PRO B 245 -13.81 5.98 12.80
N ALA B 246 -13.23 6.58 11.76
CA ALA B 246 -13.26 8.04 11.64
C ALA B 246 -14.25 8.48 10.61
N GLN B 247 -14.82 7.49 9.94
CA GLN B 247 -15.64 7.78 8.75
C GLN B 247 -16.95 6.99 8.67
N TYR B 248 -17.16 6.06 9.61
CA TYR B 248 -18.28 5.10 9.43
C TYR B 248 -19.61 5.79 9.28
N TYR B 249 -19.75 6.85 10.02
CA TYR B 249 -21.02 7.59 10.13
C TYR B 249 -21.26 8.38 8.84
N ILE B 250 -20.18 8.72 8.13
CA ILE B 250 -20.27 9.40 6.84
C ILE B 250 -20.80 8.42 5.82
N VAL B 251 -20.13 7.28 5.76
CA VAL B 251 -20.49 6.21 4.82
C VAL B 251 -21.94 5.84 5.06
N ASN B 252 -22.27 5.63 6.33
CA ASN B 252 -23.64 5.13 6.68
C ASN B 252 -24.78 6.15 6.44
N SER B 253 -24.43 7.42 6.51
CA SER B 253 -25.41 8.50 6.21
C SER B 253 -25.67 8.46 4.72
N LEU B 254 -24.60 8.31 3.97
CA LEU B 254 -24.72 8.24 2.53
C LEU B 254 -25.53 7.03 2.11
N ALA B 255 -25.22 5.88 2.71
CA ALA B 255 -25.90 4.60 2.39
C ALA B 255 -27.42 4.72 2.61
N SER B 256 -27.80 5.57 3.54
CA SER B 256 -29.22 5.70 3.94
C SER B 256 -30.02 6.53 2.98
N LEU B 257 -29.34 7.15 2.02
CA LEU B 257 -30.01 8.02 0.99
C LEU B 257 -30.45 7.02 -0.13
N PRO B 258 -31.77 6.76 -0.30
CA PRO B 258 -32.20 5.76 -1.34
C PRO B 258 -31.79 6.13 -2.77
N ILE B 259 -31.24 5.15 -3.48
CA ILE B 259 -30.86 5.30 -4.87
C ILE B 259 -32.09 4.91 -5.63
N LYS B 260 -32.92 5.88 -5.90
CA LYS B 260 -34.17 5.59 -6.60
C LYS B 260 -33.87 5.19 -8.03
N ARG B 261 -32.86 5.83 -8.59
CA ARG B 261 -32.46 5.63 -9.99
C ARG B 261 -31.24 6.46 -10.25
N VAL B 262 -30.28 5.85 -10.94
CA VAL B 262 -29.16 6.59 -11.49
C VAL B 262 -29.69 7.28 -12.76
N THR B 263 -29.62 8.60 -12.78
CA THR B 263 -30.28 9.38 -13.83
C THR B 263 -29.31 9.86 -14.88
N GLN B 264 -28.04 9.82 -14.51
CA GLN B 264 -26.95 10.28 -15.39
C GLN B 264 -25.74 9.41 -15.17
N ALA B 265 -25.13 9.06 -16.29
CA ALA B 265 -23.85 8.31 -16.28
C ALA B 265 -23.01 8.57 -17.52
N VAL B 266 -21.86 9.20 -17.31
CA VAL B 266 -20.95 9.48 -18.43
C VAL B 266 -19.52 9.27 -18.01
N LEU B 267 -18.72 8.93 -19.02
CA LEU B 267 -17.28 8.78 -18.79
C LEU B 267 -16.53 9.70 -19.74
N VAL B 268 -15.82 10.66 -19.15
CA VAL B 268 -15.08 11.70 -19.88
C VAL B 268 -13.57 11.64 -19.66
N GLU B 269 -12.84 12.02 -20.69
CA GLU B 269 -11.40 12.30 -20.59
C GLU B 269 -11.07 13.65 -21.14
N GLY B 270 -10.09 14.25 -20.51
CA GLY B 270 -9.53 15.54 -20.96
C GLY B 270 -8.39 15.97 -20.05
N ARG B 271 -8.49 17.24 -19.71
CA ARG B 271 -7.51 17.95 -18.90
C ARG B 271 -8.19 19.09 -18.14
N ALA B 272 -7.47 19.62 -17.17
CA ALA B 272 -8.00 20.75 -16.40
C ALA B 272 -6.92 21.78 -16.25
N ILE B 273 -7.37 23.03 -16.32
CA ILE B 273 -6.58 24.23 -16.05
C ILE B 273 -7.34 25.08 -15.07
N LEU B 274 -6.90 25.04 -13.81
CA LEU B 274 -7.65 25.65 -12.73
C LEU B 274 -6.90 26.83 -12.12
N ARG B 275 -7.64 27.91 -11.92
CA ARG B 275 -7.18 29.13 -11.24
C ARG B 275 -7.32 28.99 -9.75
N ALA B 276 -6.25 28.57 -9.13
CA ALA B 276 -6.30 28.23 -7.71
C ALA B 276 -6.62 29.41 -6.78
N GLY B 278 -8.42 31.79 -7.35
CA GLY B 278 -9.80 32.20 -7.70
C GLY B 278 -10.87 31.75 -6.72
N ALA B 279 -10.48 30.83 -5.84
CA ALA B 279 -11.33 30.49 -4.72
C ALA B 279 -11.49 31.72 -3.81
N ARG B 280 -12.67 31.78 -3.21
N ARG B 280 -12.65 31.78 -3.19
CA ARG B 280 -13.06 32.91 -2.38
CA ARG B 280 -12.93 32.89 -2.29
C ARG B 280 -14.08 32.53 -1.33
C ARG B 280 -14.05 32.54 -1.34
N VAL B 281 -13.99 33.19 -0.20
CA VAL B 281 -15.02 33.07 0.82
C VAL B 281 -16.29 33.77 0.34
N ILE B 282 -17.40 33.11 0.60
CA ILE B 282 -18.75 33.59 0.23
C ILE B 282 -19.61 33.72 1.48
N GLU B 283 -20.41 34.77 1.52
CA GLU B 283 -21.23 35.01 2.69
C GLU B 283 -22.57 35.67 2.42
N GLN C 18 -34.99 24.98 2.00
CA GLN C 18 -33.66 25.21 2.72
C GLN C 18 -33.09 24.08 3.60
N GLY C 19 -31.76 24.10 3.65
CA GLY C 19 -30.97 23.05 4.28
C GLY C 19 -31.37 22.97 5.73
N PHE C 21 -29.30 21.28 8.14
CA PHE C 21 -28.21 21.07 9.07
C PHE C 21 -27.81 22.33 9.82
N ARG C 22 -27.74 22.18 11.14
CA ARG C 22 -27.18 23.18 12.09
C ARG C 22 -26.34 22.49 13.18
N PRO C 23 -25.11 23.02 13.42
CA PRO C 23 -24.26 22.49 14.48
C PRO C 23 -24.96 22.64 15.79
N GLN C 24 -24.70 21.69 16.68
CA GLN C 24 -25.21 21.73 18.05
C GLN C 24 -24.21 22.42 18.98
N ASP C 25 -24.77 23.09 19.97
CA ASP C 25 -24.05 23.98 20.88
C ASP C 25 -22.85 23.46 21.65
N ASP C 26 -22.96 22.27 22.17
CA ASP C 26 -21.92 21.77 23.07
C ASP C 26 -21.22 20.61 22.38
N PHE C 27 -21.14 20.70 21.07
CA PHE C 27 -20.47 19.64 20.28
C PHE C 27 -19.15 20.05 19.67
N THR C 28 -18.35 19.04 19.34
CA THR C 28 -17.07 19.26 18.63
C THR C 28 -17.19 18.59 17.28
N TYR C 29 -16.52 19.18 16.32
CA TYR C 29 -16.52 18.72 14.92
C TYR C 29 -15.20 18.87 14.21
N LEU C 30 -15.10 18.09 13.13
CA LEU C 30 -14.13 18.37 12.08
C LEU C 30 -14.85 18.34 10.73
N PRO C 32 -15.97 16.94 7.26
CA PRO C 32 -17.30 17.58 7.01
C PRO C 32 -18.24 17.68 8.22
N VAL C 33 -18.53 18.89 8.60
CA VAL C 33 -19.30 19.12 9.85
C VAL C 33 -20.73 18.54 9.79
N HIS C 34 -21.29 18.58 8.59
CA HIS C 34 -22.69 18.25 8.36
C HIS C 34 -23.02 16.77 8.51
N PHE C 35 -22.00 15.94 8.71
CA PHE C 35 -22.26 14.54 8.99
C PHE C 35 -22.26 14.25 10.46
N GLY C 36 -22.18 15.33 11.21
CA GLY C 36 -22.40 15.27 12.64
C GLY C 36 -21.09 15.28 13.37
N GLY C 37 -21.21 15.27 14.67
CA GLY C 37 -20.01 15.37 15.53
C GLY C 37 -20.24 14.75 16.89
N GLY C 38 -19.62 15.29 17.91
CA GLY C 38 -19.80 14.66 19.22
C GLY C 38 -19.81 15.59 20.39
N LYS C 39 -20.52 15.14 21.40
CA LYS C 39 -20.67 15.93 22.62
C LYS C 39 -19.31 16.22 23.24
N PHE C 40 -19.07 17.49 23.51
CA PHE C 40 -17.84 17.89 24.22
C PHE C 40 -17.75 17.24 25.59
N ASP C 41 -16.57 16.70 25.88
CA ASP C 41 -16.26 16.12 27.21
C ASP C 41 -14.85 16.56 27.58
N PRO C 42 -14.71 17.30 28.69
CA PRO C 42 -13.42 17.86 29.11
C PRO C 42 -12.40 16.77 29.44
N GLU C 43 -12.94 15.59 29.64
CA GLU C 43 -12.17 14.40 30.00
C GLU C 43 -12.08 13.38 28.85
N THR C 44 -12.27 13.86 27.63
CA THR C 44 -11.98 13.03 26.44
C THR C 44 -10.52 12.55 26.44
N LEU C 45 -10.36 11.26 26.24
CA LEU C 45 -9.05 10.62 26.30
C LEU C 45 -8.58 9.96 24.97
N VAL C 46 -7.27 10.00 24.80
CA VAL C 46 -6.62 9.13 23.80
C VAL C 46 -5.86 8.13 24.61
N THR C 47 -6.15 6.86 24.40
CA THR C 47 -5.44 5.77 25.06
C THR C 47 -4.93 4.79 24.03
N GLN C 48 -3.71 4.36 24.26
CA GLN C 48 -3.05 3.49 23.32
C GLN C 48 -1.78 2.85 23.92
N LYS C 49 -1.42 1.72 23.34
CA LYS C 49 -0.15 1.10 23.68
C LYS C 49 0.84 1.82 22.77
N ALA C 50 2.07 2.01 23.26
CA ALA C 50 3.08 2.75 22.54
C ALA C 50 4.45 2.06 22.65
N THR C 51 5.18 2.04 21.52
CA THR C 51 6.66 1.86 21.50
C THR C 51 7.28 3.08 20.88
N ALA C 52 8.38 3.51 21.46
CA ALA C 52 9.15 4.60 20.91
C ALA C 52 10.66 4.31 20.87
N LEU C 53 11.26 4.60 19.72
CA LEU C 53 12.74 4.69 19.55
C LEU C 53 13.04 6.17 19.45
N SER C 54 13.67 6.68 20.49
CA SER C 54 13.91 8.11 20.70
C SER C 54 15.40 8.47 20.65
N LEU C 55 15.74 9.34 19.73
CA LEU C 55 17.10 9.81 19.50
C LEU C 55 17.14 11.33 19.67
N SER C 56 18.27 11.80 20.14
CA SER C 56 18.66 13.22 20.14
C SER C 56 20.01 13.37 19.44
N PHE C 57 20.15 14.43 18.68
CA PHE C 57 21.47 14.74 18.11
C PHE C 57 21.77 16.22 18.23
N GLU C 58 23.06 16.44 18.40
CA GLU C 58 23.59 17.78 18.46
C GLU C 58 23.88 18.27 17.06
N THR C 59 23.50 19.51 16.84
CA THR C 59 23.67 20.19 15.55
C THR C 59 24.23 21.61 15.78
N GLU C 60 24.15 22.41 14.74
CA GLU C 60 24.57 23.82 14.75
C GLU C 60 23.44 24.72 15.14
N ARG C 61 23.65 25.49 16.18
CA ARG C 61 22.60 26.35 16.71
C ARG C 61 22.05 27.32 15.71
N ASP C 62 22.94 27.99 15.03
N ASP C 62 22.96 27.95 15.00
CA ASP C 62 22.52 29.07 14.12
CA ASP C 62 22.61 29.04 14.12
C ASP C 62 21.62 28.49 13.04
C ASP C 62 21.73 28.54 12.98
N LEU C 63 21.97 27.30 12.58
CA LEU C 63 21.27 26.72 11.43
C LEU C 63 19.89 26.27 11.86
N LEU C 64 19.84 25.76 13.07
CA LEU C 64 18.58 25.25 13.59
C LEU C 64 17.64 26.41 13.96
N GLU C 65 18.23 27.53 14.40
CA GLU C 65 17.42 28.72 14.74
C GLU C 65 16.60 29.28 13.58
N ASN C 66 17.10 29.01 12.39
CA ASN C 66 16.44 29.46 11.14
C ASN C 66 15.00 28.89 11.00
N TYR C 67 14.77 27.82 11.72
CA TYR C 67 13.50 27.02 11.62
C TYR C 67 12.63 27.17 12.85
N ILE C 68 13.06 28.01 13.77
CA ILE C 68 12.33 28.24 15.04
C ILE C 68 11.69 29.64 15.04
N PRO C 69 10.38 29.73 15.30
CA PRO C 69 9.74 31.02 15.09
C PRO C 69 10.13 32.01 16.16
N GLU C 70 10.08 33.27 15.77
CA GLU C 70 10.20 34.36 16.74
C GLU C 70 9.16 34.08 17.83
N GLY C 71 9.56 34.30 19.06
CA GLY C 71 8.64 34.04 20.17
C GLY C 71 9.09 32.89 21.03
N PHE C 72 9.94 32.10 20.39
CA PHE C 72 10.60 30.97 21.07
C PHE C 72 12.07 31.19 21.10
N GLU C 73 12.65 30.70 22.19
CA GLU C 73 14.10 30.57 22.36
C GLU C 73 14.49 29.10 22.26
N LEU C 74 15.48 28.84 21.43
CA LEU C 74 16.10 27.53 21.25
C LEU C 74 16.99 27.37 22.49
N LEU C 75 16.66 26.36 23.29
CA LEU C 75 17.37 26.09 24.58
C LEU C 75 18.65 25.29 24.47
N ALA C 76 18.82 24.66 23.31
CA ALA C 76 19.92 23.73 23.06
C ALA C 76 20.09 23.42 21.57
N PRO C 77 21.33 23.19 21.09
CA PRO C 77 21.55 22.91 19.69
C PRO C 77 21.31 21.45 19.45
N GLU C 78 20.03 21.13 19.55
CA GLU C 78 19.58 19.76 19.53
C GLU C 78 18.32 19.54 18.72
N VAL C 79 18.33 18.46 17.95
CA VAL C 79 17.09 17.96 17.32
C VAL C 79 16.78 16.60 17.92
N GLN C 80 15.53 16.46 18.27
CA GLN C 80 14.94 15.22 18.77
C GLN C 80 14.21 14.51 17.62
N VAL C 81 14.58 13.26 17.35
CA VAL C 81 13.87 12.48 16.29
C VAL C 81 13.42 11.16 16.94
N ALA C 82 12.12 10.89 16.87
CA ALA C 82 11.56 9.65 17.46
C ALA C 82 10.58 8.95 16.55
N PHE C 83 10.85 7.68 16.33
CA PHE C 83 9.83 6.72 15.86
C PHE C 83 8.89 6.30 16.99
N ASN C 84 7.58 6.37 16.73
CA ASN C 84 6.56 5.82 17.64
C ASN C 84 5.60 4.94 16.87
N LYS C 85 5.20 3.86 17.51
CA LYS C 85 4.15 2.96 17.03
C LYS C 85 3.08 2.88 18.07
N PHE C 86 1.88 3.23 17.66
CA PHE C 86 0.73 3.25 18.55
C PHE C 86 -0.23 2.14 18.13
N THR C 87 -0.62 1.33 19.08
CA THR C 87 -1.55 0.21 18.80
C THR C 87 -2.70 0.20 19.82
N GLU C 88 -3.72 -0.59 19.48
CA GLU C 88 -4.97 -0.66 20.25
C GLU C 88 -5.61 0.70 20.59
N ILE C 89 -5.58 1.60 19.62
CA ILE C 89 -5.93 3.03 19.81
C ILE C 89 -7.42 3.22 20.01
N ASN C 90 -7.81 3.76 21.16
CA ASN C 90 -9.23 3.86 21.48
C ASN C 90 -10.05 4.63 20.43
N TRP C 91 -9.56 5.81 20.07
CA TRP C 91 -10.29 6.72 19.17
C TRP C 91 -10.32 6.23 17.72
N LEU C 92 -9.46 5.28 17.44
CA LEU C 92 -9.44 4.59 16.13
C LEU C 92 -10.06 3.20 16.24
N HIS C 93 -10.85 3.04 17.28
CA HIS C 93 -11.53 1.78 17.59
C HIS C 93 -10.67 0.54 17.31
N GLY C 94 -9.46 0.58 17.82
CA GLY C 94 -8.61 -0.60 17.81
C GLY C 94 -7.53 -0.65 16.76
N GLY C 95 -7.44 0.37 15.92
CA GLY C 95 -6.39 0.41 14.87
C GLY C 95 -5.04 0.90 15.43
N GLN C 96 -4.16 1.18 14.48
CA GLN C 96 -2.77 1.51 14.78
C GLN C 96 -2.19 2.44 13.75
N TYR C 97 -1.11 3.09 14.14
CA TYR C 97 -0.29 3.83 13.16
C TYR C 97 1.08 4.09 13.68
N ASN C 98 1.97 4.43 12.76
CA ASN C 98 3.32 4.92 13.10
C ASN C 98 3.55 6.38 12.80
N LEU C 99 4.52 6.95 13.51
CA LEU C 99 4.93 8.33 13.36
C LEU C 99 6.41 8.54 13.59
N ILE C 100 6.90 9.60 12.95
CA ILE C 100 8.25 10.08 13.16
C ILE C 100 8.08 11.52 13.64
N ASN C 101 8.52 11.76 14.85
CA ASN C 101 8.46 13.07 15.49
C ASN C 101 9.79 13.81 15.39
N VAL C 102 9.79 15.05 14.93
CA VAL C 102 11.01 15.85 14.87
C VAL C 102 10.75 17.16 15.59
N ALA C 103 11.50 17.40 16.69
CA ALA C 103 11.28 18.58 17.49
C ALA C 103 12.62 19.17 18.04
N ALA C 104 12.54 20.38 18.55
CA ALA C 104 13.68 21.08 19.20
C ALA C 104 13.24 21.66 20.54
N PRO C 105 14.15 21.63 21.54
CA PRO C 105 13.76 22.09 22.85
C PRO C 105 13.78 23.61 22.95
N VAL C 106 12.66 24.14 23.40
CA VAL C 106 12.41 25.58 23.41
C VAL C 106 11.77 26.09 24.70
N ARG C 107 11.89 27.40 24.83
CA ARG C 107 11.11 28.18 25.77
C ARG C 107 10.26 29.17 24.97
N PHE C 108 9.00 29.20 25.34
CA PHE C 108 7.98 30.17 24.82
C PHE C 108 7.88 31.41 25.70
N HIS C 109 8.19 32.53 25.09
CA HIS C 109 8.15 33.86 25.75
C HIS C 109 6.91 34.60 25.24
N GLY C 110 5.79 34.19 25.77
CA GLY C 110 4.51 34.77 25.45
C GLY C 110 4.27 36.03 26.24
N LYS C 111 3.19 36.69 25.87
CA LYS C 111 2.73 37.85 26.64
C LYS C 111 1.88 37.41 27.79
N LYS C 112 1.44 36.16 27.74
CA LYS C 112 0.58 35.58 28.81
C LYS C 112 1.13 34.29 29.38
N ASP C 113 1.68 33.49 28.48
CA ASP C 113 2.24 32.19 28.85
C ASP C 113 3.74 32.17 28.68
N GLU C 114 4.41 31.69 29.70
CA GLU C 114 5.82 31.27 29.54
C GLU C 114 5.97 29.84 30.05
N LEU C 115 6.67 29.06 29.24
CA LEU C 115 6.85 27.63 29.51
C LEU C 115 7.82 27.03 28.54
N ASP C 116 8.39 25.92 28.96
CA ASP C 116 9.32 25.15 28.17
C ASP C 116 8.65 23.88 27.56
N GLY C 117 9.06 23.56 26.34
CA GLY C 117 8.57 22.34 25.66
C GLY C 117 9.38 21.98 24.45
N ALA C 118 8.78 21.13 23.61
CA ALA C 118 9.40 20.71 22.39
C ALA C 118 8.63 21.41 21.28
N TYR C 119 9.32 22.28 20.56
CA TYR C 119 8.76 22.90 19.34
C TYR C 119 8.73 21.86 18.23
N THR C 120 7.51 21.52 17.76
CA THR C 120 7.38 20.50 16.67
C THR C 120 7.76 21.02 15.30
N LEU C 121 8.79 20.42 14.71
CA LEU C 121 9.30 20.83 13.38
C LEU C 121 8.47 20.20 12.28
N VAL C 122 8.26 18.91 12.42
CA VAL C 122 7.47 18.14 11.46
C VAL C 122 7.18 16.82 12.16
N VAL C 123 6.05 16.28 11.82
CA VAL C 123 5.72 14.90 12.17
C VAL C 123 5.25 14.20 10.92
N TRP C 124 5.88 13.08 10.60
CA TRP C 124 5.38 12.19 9.58
C TRP C 124 4.54 11.12 10.31
N GLU C 125 3.39 10.87 9.72
CA GLU C 125 2.52 9.76 10.11
C GLU C 125 2.04 8.98 8.87
N ASN C 126 1.79 7.68 9.06
CA ASN C 126 1.40 6.76 7.95
C ASN C 126 -0.07 6.46 7.85
N LYS C 127 -0.84 7.36 8.46
CA LYS C 127 -2.32 7.34 8.41
C LYS C 127 -2.86 8.74 8.44
N THR C 128 -3.84 8.97 7.60
CA THR C 128 -4.34 10.32 7.35
C THR C 128 -5.18 10.89 8.51
N ALA C 129 -5.96 10.05 9.13
CA ALA C 129 -6.88 10.53 10.17
C ALA C 129 -6.15 11.30 11.30
N PRO C 130 -5.06 10.72 11.86
CA PRO C 130 -4.37 11.56 12.84
C PRO C 130 -3.68 12.79 12.30
N ILE C 131 -3.42 12.78 11.00
CA ILE C 131 -2.79 13.91 10.34
C ILE C 131 -3.74 15.09 10.40
N LEU C 132 -4.94 14.82 9.95
CA LEU C 132 -6.01 15.85 9.89
C LEU C 132 -6.31 16.43 11.27
N GLY C 133 -6.49 15.51 12.19
CA GLY C 133 -6.80 15.81 13.58
C GLY C 133 -5.71 16.64 14.22
N GLY C 134 -4.47 16.19 14.09
CA GLY C 134 -3.32 16.89 14.68
C GLY C 134 -3.15 18.30 14.19
N ARG C 135 -3.33 18.50 12.88
CA ARG C 135 -3.15 19.82 12.26
C ARG C 135 -4.29 20.74 12.63
N GLU C 136 -5.50 20.23 12.42
CA GLU C 136 -6.73 21.03 12.54
C GLU C 136 -7.12 21.31 13.98
N GLN C 137 -6.85 20.39 14.90
CA GLN C 137 -7.21 20.55 16.32
C GLN C 137 -6.08 21.20 17.15
N THR C 138 -4.84 21.00 16.73
CA THR C 138 -3.72 21.39 17.57
C THR C 138 -2.48 22.01 16.93
N GLY C 139 -2.51 22.31 15.64
CA GLY C 139 -1.38 22.99 15.00
C GLY C 139 -0.09 22.20 15.01
N ILE C 140 -0.26 20.89 15.12
CA ILE C 140 0.86 19.94 14.89
C ILE C 140 1.12 19.75 13.38
N PRO C 141 2.36 19.98 12.90
CA PRO C 141 2.72 19.92 11.46
C PRO C 141 2.95 18.50 10.98
N LYS C 142 1.83 17.79 10.97
CA LYS C 142 1.71 16.39 10.47
C LYS C 142 1.62 16.35 8.93
N ILE C 143 2.39 15.44 8.33
CA ILE C 143 2.33 15.21 6.87
C ILE C 143 2.54 13.68 6.67
N TYR C 144 2.26 13.17 5.48
CA TYR C 144 2.25 11.72 5.30
C TYR C 144 3.60 11.15 4.88
N ALA C 145 3.89 9.99 5.42
CA ALA C 145 4.86 9.15 4.76
C ALA C 145 4.60 7.65 5.06
N ASP C 146 5.22 6.81 4.24
CA ASP C 146 5.33 5.36 4.51
C ASP C 146 6.45 5.19 5.55
N ILE C 147 6.08 4.51 6.60
CA ILE C 147 6.89 4.28 7.85
C ILE C 147 6.85 2.82 8.27
N GLU C 148 7.94 2.13 7.98
CA GLU C 148 8.03 0.74 8.37
C GLU C 148 7.88 0.59 9.88
N ASP C 149 7.18 -0.45 10.29
CA ASP C 149 7.36 -0.93 11.67
C ASP C 149 8.81 -1.40 11.82
N LEU C 150 9.29 -1.51 13.05
CA LEU C 150 10.71 -1.87 13.31
C LEU C 150 11.07 -3.27 12.84
N HIS C 151 12.20 -3.40 12.14
CA HIS C 151 12.73 -4.72 11.74
C HIS C 151 13.73 -5.06 12.82
N ILE C 152 13.59 -6.25 13.32
CA ILE C 152 14.32 -6.71 14.52
C ILE C 152 15.08 -8.02 14.37
N VAL C 153 16.40 -7.87 14.44
CA VAL C 153 17.41 -8.94 14.57
C VAL C 153 18.23 -8.57 15.82
N ARG C 154 17.65 -8.89 16.95
CA ARG C 154 18.18 -8.43 18.25
C ARG C 154 19.67 -8.73 18.29
N PRO C 155 20.49 -7.75 18.67
CA PRO C 155 20.16 -6.49 19.31
C PRO C 155 19.84 -5.28 18.41
N HIS C 156 19.60 -5.54 17.12
CA HIS C 156 19.43 -4.48 16.11
C HIS C 156 17.99 -4.28 15.72
N PHE C 157 17.65 -3.01 15.67
CA PHE C 157 16.30 -2.44 15.31
C PHE C 157 16.51 -1.39 14.22
N ALA C 158 15.56 -1.36 13.27
CA ALA C 158 15.66 -0.49 12.10
C ALA C 158 14.30 -0.14 11.61
N THR C 159 14.19 1.08 11.10
CA THR C 159 13.07 1.49 10.22
C THR C 159 13.54 2.39 9.10
N THR C 160 12.63 2.51 8.14
CA THR C 160 12.85 3.23 6.91
C THR C 160 11.60 4.04 6.70
N VAL C 161 11.81 5.29 6.28
CA VAL C 161 10.69 6.18 5.93
C VAL C 161 10.89 6.71 4.56
N SER C 162 9.77 6.76 3.81
CA SER C 162 9.85 6.98 2.34
C SER C 162 8.58 7.63 1.81
N TYR C 163 8.70 8.30 0.68
CA TYR C 163 7.59 9.00 0.04
C TYR C 163 7.57 8.43 -1.35
N GLU C 164 6.51 7.73 -1.67
CA GLU C 164 6.24 7.15 -3.01
C GLU C 164 7.43 6.39 -3.56
N GLY C 165 7.99 5.57 -2.68
CA GLY C 165 9.15 4.76 -3.03
C GLY C 165 10.52 5.33 -2.82
N ASN C 166 10.58 6.63 -2.50
CA ASN C 166 11.84 7.37 -2.32
C ASN C 166 12.23 7.44 -0.86
N THR C 167 13.25 6.67 -0.51
CA THR C 167 13.74 6.72 0.86
C THR C 167 14.18 8.11 1.24
N PHE C 168 13.80 8.57 2.42
CA PHE C 168 14.37 9.81 2.98
C PHE C 168 14.84 9.83 4.44
N LEU C 169 14.51 8.80 5.20
CA LEU C 169 15.09 8.66 6.55
C LEU C 169 15.26 7.23 6.90
N ASN C 170 16.48 6.92 7.31
CA ASN C 170 16.82 5.65 7.95
C ASN C 170 17.19 5.85 9.42
N ASP C 172 18.51 3.47 12.83
CA ASP C 172 19.00 2.23 13.43
C ASP C 172 19.32 2.38 14.91
N PHE C 173 19.18 1.26 15.61
CA PHE C 173 19.45 1.16 17.07
C PHE C 173 19.96 -0.19 17.42
N GLU C 174 21.12 -0.21 18.08
CA GLU C 174 21.68 -1.43 18.70
C GLU C 174 21.51 -1.34 20.23
N ALA C 175 20.60 -2.13 20.75
CA ALA C 175 20.36 -2.17 22.20
C ALA C 175 21.62 -2.70 22.88
N THR C 176 22.03 -2.01 23.94
CA THR C 176 23.22 -2.41 24.68
C THR C 176 22.94 -2.82 26.14
N GLY C 177 21.75 -2.54 26.59
CA GLY C 177 21.28 -2.95 27.94
C GLY C 177 19.93 -2.41 28.36
N SER C 178 19.35 -3.10 29.32
CA SER C 178 18.10 -2.71 29.96
C SER C 178 18.33 -1.64 30.95
N ILE C 179 17.41 -0.70 30.95
CA ILE C 179 17.35 0.30 31.99
C ILE C 179 16.42 -0.18 33.11
N THR C 180 16.99 -0.24 34.32
CA THR C 180 16.28 -0.65 35.51
C THR C 180 16.61 0.22 36.72
N GLY C 181 15.87 -0.08 37.77
CA GLY C 181 16.02 0.59 39.07
C GLY C 181 15.81 2.07 38.99
N ARG C 182 16.65 2.81 39.70
CA ARG C 182 16.49 4.27 39.78
C ARG C 182 16.46 4.89 38.43
N ASP C 183 17.29 4.33 37.56
CA ASP C 183 17.55 4.95 36.26
C ASP C 183 16.27 4.82 35.43
N LEU C 184 15.54 3.74 35.71
CA LEU C 184 14.25 3.51 35.01
C LEU C 184 13.17 4.44 35.59
N ASP C 185 13.24 4.64 36.90
CA ASP C 185 12.38 5.64 37.56
C ASP C 185 12.59 7.01 36.98
N ALA C 186 13.84 7.41 36.90
CA ALA C 186 14.18 8.67 36.25
C ALA C 186 13.63 8.77 34.82
N LEU C 187 13.74 7.67 34.10
CA LEU C 187 13.31 7.64 32.72
C LEU C 187 11.79 7.73 32.67
N LYS C 188 11.15 7.03 33.60
CA LYS C 188 9.68 6.92 33.60
C LYS C 188 9.12 8.28 33.92
N SER C 189 9.61 8.76 35.05
CA SER C 189 9.08 9.99 35.62
C SER C 189 9.18 11.05 34.59
N GLN C 190 10.27 10.98 33.87
CA GLN C 190 10.55 11.90 32.80
C GLN C 190 9.48 11.92 31.73
N PHE C 191 9.37 10.78 31.04
CA PHE C 191 8.48 10.55 29.86
C PHE C 191 7.02 10.89 30.13
N LEU C 192 6.70 10.94 31.41
CA LEU C 192 5.32 11.06 31.90
C LEU C 192 4.77 12.44 31.58
N THR C 193 5.66 13.40 31.44
CA THR C 193 5.23 14.77 31.18
C THR C 193 6.00 15.37 30.04
N ASN C 195 5.58 18.73 27.14
CA ASN C 195 4.87 19.85 26.56
C ASN C 195 5.12 19.95 25.08
N THR C 196 4.21 19.38 24.29
CA THR C 196 4.32 19.47 22.84
C THR C 196 3.76 20.80 22.35
N LEU C 197 4.59 21.51 21.58
CA LEU C 197 4.27 22.87 21.05
C LEU C 197 4.08 22.84 19.54
N GLY C 198 3.01 23.46 19.09
CA GLY C 198 2.74 23.59 17.66
C GLY C 198 2.35 24.99 17.27
N TRP C 199 1.99 25.11 16.01
CA TRP C 199 1.60 26.36 15.41
C TRP C 199 0.49 26.07 14.38
N ARG C 200 -0.71 26.40 14.78
CA ARG C 200 -1.90 26.20 13.93
C ARG C 200 -2.03 27.43 13.05
N TYR C 201 -1.82 27.20 11.77
CA TYR C 201 -1.91 28.24 10.75
C TYR C 201 -2.81 27.77 9.64
N ILE C 202 -3.74 28.66 9.30
CA ILE C 202 -4.69 28.46 8.21
C ILE C 202 -4.62 29.68 7.26
N PRO C 203 -4.41 29.43 5.97
CA PRO C 203 -4.10 30.52 5.05
C PRO C 203 -5.35 31.27 4.69
N LYS C 204 -5.17 32.51 4.25
CA LYS C 204 -6.31 33.22 3.65
C LYS C 204 -6.67 32.47 2.38
N VAL C 205 -7.95 32.58 2.00
CA VAL C 205 -8.41 32.07 0.69
C VAL C 205 -8.11 33.06 -0.41
N GLY C 206 -7.39 32.59 -1.42
CA GLY C 206 -7.04 33.41 -2.58
C GLY C 206 -6.26 34.67 -2.34
N ALA C 207 -5.46 34.66 -1.28
CA ALA C 207 -4.67 35.83 -0.88
C ALA C 207 -3.46 35.42 -0.01
N PRO C 208 -2.40 36.24 0.04
CA PRO C 208 -1.29 35.84 0.94
C PRO C 208 -1.60 36.04 2.37
N GLY C 209 -0.90 35.30 3.21
CA GLY C 209 -1.05 35.47 4.63
C GLY C 209 -2.04 34.53 5.28
N ALA C 210 -2.31 34.83 6.53
CA ALA C 210 -3.06 33.93 7.43
C ALA C 210 -4.41 34.45 7.82
N GLU C 211 -5.35 33.52 7.78
CA GLU C 211 -6.71 33.65 8.29
C GLU C 211 -6.71 33.47 9.79
N LEU C 212 -5.83 32.56 10.20
CA LEU C 212 -5.63 32.17 11.59
C LEU C 212 -4.19 31.74 11.84
N SER C 213 -3.62 32.22 12.95
CA SER C 213 -2.26 31.90 13.27
C SER C 213 -2.04 32.00 14.77
N GLN C 214 -1.86 30.85 15.40
CA GLN C 214 -1.74 30.77 16.84
C GLN C 214 -0.88 29.61 17.27
N PHE C 215 -0.16 29.85 18.35
CA PHE C 215 0.67 28.80 18.96
C PHE C 215 -0.18 27.96 19.90
N VAL C 216 0.12 26.66 20.00
CA VAL C 216 -0.62 25.70 20.80
C VAL C 216 0.29 24.76 21.60
N LEU C 217 -0.15 24.50 22.82
CA LEU C 217 0.48 23.58 23.76
C LEU C 217 -0.41 22.38 23.90
N TYR C 218 0.15 21.20 23.71
CA TYR C 218 -0.56 19.97 24.01
C TYR C 218 0.21 19.13 25.05
N PRO C 219 -0.24 19.20 26.28
CA PRO C 219 0.43 18.44 27.33
C PRO C 219 0.15 16.96 27.19
N GLN C 220 1.23 16.21 27.07
CA GLN C 220 1.12 14.74 26.96
C GLN C 220 2.20 14.02 27.74
N GLY C 221 2.23 12.73 27.55
CA GLY C 221 3.08 11.88 28.38
C GLY C 221 2.79 10.42 28.09
N GLU C 223 3.33 6.48 29.81
CA GLU C 223 3.69 5.61 30.93
C GLU C 223 4.60 4.53 30.39
N VAL C 224 5.90 4.73 30.60
CA VAL C 224 6.94 3.76 30.23
C VAL C 224 6.93 2.57 31.16
N GLU C 225 6.89 1.36 30.60
N GLU C 225 6.94 1.37 30.58
CA GLU C 225 7.00 0.12 31.39
CA GLU C 225 6.99 0.12 31.35
C GLU C 225 8.41 -0.48 31.35
C GLU C 225 8.39 -0.52 31.34
N THR C 226 9.01 -0.52 30.17
CA THR C 226 10.34 -1.10 29.99
C THR C 226 11.16 -0.25 29.02
N ALA C 227 12.47 -0.31 29.19
CA ALA C 227 13.36 0.52 28.37
C ALA C 227 14.73 -0.07 28.20
N GLU C 228 15.30 0.12 27.01
CA GLU C 228 16.68 -0.15 26.75
C GLU C 228 17.44 1.06 26.25
N VAL C 229 18.69 1.09 26.62
CA VAL C 229 19.61 2.06 26.11
C VAL C 229 20.39 1.44 24.94
N GLY C 230 20.88 2.29 24.04
CA GLY C 230 21.69 1.77 22.95
C GLY C 230 22.38 2.78 22.09
N LYS C 231 22.88 2.26 20.99
CA LYS C 231 23.61 3.03 20.02
C LYS C 231 22.68 3.31 18.88
N GLY C 232 22.38 4.58 18.72
CA GLY C 232 21.47 5.10 17.68
C GLY C 232 22.19 5.82 16.57
N SER C 233 21.58 5.72 15.40
CA SER C 233 22.00 6.47 14.24
C SER C 233 20.79 6.82 13.37
N LEU C 234 20.96 7.90 12.62
CA LEU C 234 20.02 8.24 11.58
C LEU C 234 20.71 8.83 10.36
N LYS C 235 20.00 8.74 9.24
CA LYS C 235 20.47 9.29 7.97
C LYS C 235 19.33 9.86 7.17
N TRP C 236 19.50 11.09 6.71
CA TRP C 236 18.55 11.67 5.75
C TRP C 236 19.09 11.47 4.33
N THR C 237 18.16 11.35 3.38
CA THR C 237 18.47 11.36 1.96
C THR C 237 17.70 12.52 1.34
N GLU C 238 18.43 13.48 0.76
CA GLU C 238 17.82 14.62 0.09
C GLU C 238 16.99 14.12 -1.10
N LEU C 239 15.87 14.81 -1.32
CA LEU C 239 14.91 14.51 -2.37
C LEU C 239 14.73 15.65 -3.36
N THR C 240 14.37 15.27 -4.59
CA THR C 240 13.95 16.23 -5.61
C THR C 240 12.43 16.50 -5.60
N PRO C 241 12.01 17.61 -6.22
CA PRO C 241 10.57 17.83 -6.29
C PRO C 241 9.79 16.66 -6.96
N GLN C 243 10.40 13.70 -6.79
CA GLN C 243 10.40 12.57 -5.85
C GLN C 243 9.42 12.81 -4.71
N SER C 244 9.42 14.04 -4.23
CA SER C 244 8.58 14.37 -3.09
C SER C 244 8.08 15.80 -3.25
N PRO C 245 7.04 15.99 -4.07
CA PRO C 245 6.69 17.38 -4.45
C PRO C 245 6.23 18.35 -3.37
N ALA C 246 5.55 17.80 -2.38
CA ALA C 246 5.02 18.59 -1.24
C ALA C 246 5.96 18.70 -0.02
N GLN C 247 7.06 17.97 -0.05
CA GLN C 247 7.96 17.79 1.17
C GLN C 247 9.46 17.87 0.98
N TYR C 248 9.90 17.87 -0.27
CA TYR C 248 11.33 17.83 -0.58
C TYR C 248 12.11 18.89 0.23
N TYR C 249 11.52 20.06 0.36
CA TYR C 249 12.24 21.21 0.99
C TYR C 249 12.32 21.06 2.53
N ILE C 250 11.38 20.30 3.08
CA ILE C 250 11.35 20.00 4.50
C ILE C 250 12.46 19.01 4.80
N VAL C 251 12.46 17.94 4.01
CA VAL C 251 13.54 16.94 4.11
C VAL C 251 14.90 17.53 3.93
N ASN C 252 15.01 18.42 2.96
CA ASN C 252 16.33 18.91 2.55
C ASN C 252 16.82 19.90 3.60
N SER C 253 15.86 20.61 4.18
CA SER C 253 16.15 21.53 5.33
C SER C 253 16.72 20.75 6.52
N LEU C 254 16.02 19.69 6.92
CA LEU C 254 16.49 18.86 8.05
C LEU C 254 17.81 18.15 7.72
N ALA C 255 17.99 17.74 6.47
CA ALA C 255 19.24 17.11 6.07
C ALA C 255 20.47 18.05 6.17
N SER C 256 20.19 19.34 6.10
CA SER C 256 21.21 20.43 6.08
C SER C 256 21.79 20.67 7.50
N LEU C 257 21.07 20.15 8.48
CA LEU C 257 21.46 20.26 9.92
C LEU C 257 22.49 19.20 10.29
N PRO C 258 23.74 19.61 10.46
CA PRO C 258 24.73 18.56 10.63
C PRO C 258 24.42 17.72 11.84
N ILE C 259 24.46 16.42 11.64
CA ILE C 259 24.42 15.46 12.74
C ILE C 259 25.83 15.33 13.37
N LYS C 260 26.10 16.16 14.36
CA LYS C 260 27.47 16.19 14.98
C LYS C 260 27.78 14.94 15.78
N ARG C 261 26.78 14.50 16.49
CA ARG C 261 26.75 13.30 17.30
C ARG C 261 25.33 13.00 17.84
N VAL C 262 24.99 11.72 17.83
CA VAL C 262 23.77 11.22 18.48
C VAL C 262 24.08 11.09 19.94
N THR C 263 23.36 11.89 20.72
CA THR C 263 23.68 12.05 22.18
C THR C 263 22.81 11.21 23.09
N GLN C 264 21.67 10.79 22.56
N GLN C 264 21.68 10.80 22.57
CA GLN C 264 20.70 10.00 23.30
CA GLN C 264 20.78 9.94 23.32
C GLN C 264 20.00 9.03 22.36
C GLN C 264 20.03 9.03 22.37
N ALA C 265 19.74 7.83 22.87
CA ALA C 265 19.08 6.78 22.10
C ALA C 265 18.50 5.76 23.07
N VAL C 266 17.19 5.75 23.09
CA VAL C 266 16.44 4.83 23.93
C VAL C 266 15.31 4.19 23.15
N LEU C 267 15.01 2.96 23.54
CA LEU C 267 13.85 2.18 23.07
C LEU C 267 12.99 1.82 24.26
N VAL C 268 11.75 2.30 24.22
CA VAL C 268 10.79 2.18 25.31
C VAL C 268 9.49 1.59 24.86
N GLU C 269 8.85 0.95 25.80
N GLU C 269 8.86 0.80 25.72
CA GLU C 269 7.62 0.25 25.59
CA GLU C 269 7.47 0.42 25.51
C GLU C 269 6.65 0.53 26.77
C GLU C 269 6.68 0.75 26.73
N GLY C 270 5.40 0.85 26.45
CA GLY C 270 4.41 1.18 27.47
C GLY C 270 3.04 1.56 26.93
N ARG C 271 2.45 2.57 27.53
CA ARG C 271 1.14 3.08 27.12
C ARG C 271 1.05 4.57 27.30
N ALA C 272 0.01 5.12 26.72
CA ALA C 272 -0.28 6.54 26.86
C ALA C 272 -1.74 6.73 27.25
N ILE C 273 -1.97 7.69 28.13
CA ILE C 273 -3.30 8.16 28.45
C ILE C 273 -3.29 9.70 28.41
N LEU C 274 -3.92 10.24 27.38
CA LEU C 274 -3.80 11.66 27.01
C LEU C 274 -5.12 12.37 27.20
N ARG C 275 -5.05 13.52 27.82
CA ARG C 275 -6.23 14.38 27.95
C ARG C 275 -6.31 15.29 26.75
N ALA C 276 -7.03 14.83 25.74
CA ALA C 276 -7.02 15.54 24.45
C ALA C 276 -7.54 16.98 24.55
N GLY C 278 -6.98 18.91 26.94
CA GLY C 278 -6.04 19.63 27.75
C GLY C 278 -5.22 20.58 26.90
N ALA C 279 -5.30 20.39 25.58
CA ALA C 279 -4.61 21.27 24.66
C ALA C 279 -5.15 22.68 24.85
N ARG C 280 -4.28 23.68 24.68
CA ARG C 280 -4.70 25.09 24.74
C ARG C 280 -3.87 26.04 23.90
N VAL C 281 -4.52 27.11 23.47
CA VAL C 281 -3.81 28.20 22.79
C VAL C 281 -2.90 28.85 23.83
N ILE C 282 -1.70 29.15 23.39
CA ILE C 282 -0.75 29.96 24.19
C ILE C 282 -0.40 31.26 23.46
N GLU C 283 -0.13 32.32 24.22
CA GLU C 283 0.15 33.57 23.56
C GLU C 283 0.95 34.52 24.42
N GLY D 19 28.82 -18.36 -21.04
CA GLY D 19 27.98 -18.54 -19.82
C GLY D 19 28.76 -19.21 -18.70
N PHE D 21 27.94 -19.08 -15.33
CA PHE D 21 27.17 -19.55 -14.16
C PHE D 21 26.91 -21.04 -14.21
N ARG D 22 27.36 -21.68 -13.15
CA ARG D 22 27.01 -23.06 -12.85
C ARG D 22 26.61 -23.24 -11.39
N PRO D 23 25.51 -23.96 -11.14
CA PRO D 23 25.13 -24.25 -9.76
C PRO D 23 26.10 -25.14 -9.03
N GLN D 24 26.23 -24.86 -7.73
CA GLN D 24 27.08 -25.63 -6.77
C GLN D 24 26.37 -26.84 -6.21
N ASP D 25 27.11 -27.92 -6.02
CA ASP D 25 26.52 -29.25 -5.74
C ASP D 25 25.67 -29.40 -4.50
N ASP D 26 26.09 -28.70 -3.47
N ASP D 26 26.09 -28.70 -3.48
CA ASP D 26 25.49 -28.85 -2.14
CA ASP D 26 25.52 -28.85 -2.15
C ASP D 26 24.89 -27.51 -1.75
C ASP D 26 24.69 -27.63 -1.76
N PHE D 27 24.43 -26.80 -2.77
CA PHE D 27 23.67 -25.55 -2.55
C PHE D 27 22.21 -25.73 -2.83
N THR D 28 21.42 -24.88 -2.18
CA THR D 28 19.97 -24.76 -2.49
C THR D 28 19.71 -23.42 -3.17
N TYR D 29 18.72 -23.45 -4.04
CA TYR D 29 18.35 -22.32 -4.89
C TYR D 29 16.84 -22.11 -5.03
N LEU D 30 16.49 -20.86 -5.38
CA LEU D 30 15.18 -20.48 -5.98
C LEU D 30 15.41 -19.58 -7.18
N PRO D 32 15.68 -16.44 -9.36
CA PRO D 32 16.81 -16.64 -10.29
C PRO D 32 18.02 -17.30 -9.65
N VAL D 33 18.31 -18.48 -10.15
CA VAL D 33 19.38 -19.33 -9.61
C VAL D 33 20.75 -18.69 -9.84
N HIS D 34 20.85 -17.97 -10.93
CA HIS D 34 22.12 -17.41 -11.42
C HIS D 34 22.65 -16.30 -10.50
N PHE D 35 21.83 -15.88 -9.53
CA PHE D 35 22.26 -14.81 -8.58
C PHE D 35 22.73 -15.41 -7.25
N GLY D 36 22.90 -16.73 -7.29
CA GLY D 36 23.42 -17.48 -6.12
C GLY D 36 22.36 -18.05 -5.20
N GLY D 37 22.84 -18.82 -4.24
CA GLY D 37 22.00 -19.52 -3.27
C GLY D 37 22.75 -19.76 -2.00
N GLY D 38 22.33 -20.79 -1.28
CA GLY D 38 22.89 -21.09 0.03
C GLY D 38 23.28 -22.53 0.20
N LYS D 39 24.41 -22.71 0.86
CA LYS D 39 24.89 -24.03 1.29
C LYS D 39 23.76 -24.74 2.04
N PHE D 40 23.51 -25.99 1.68
CA PHE D 40 22.52 -26.83 2.38
C PHE D 40 22.94 -27.12 3.80
N ASP D 41 21.97 -26.99 4.68
CA ASP D 41 22.14 -27.22 6.12
C ASP D 41 20.92 -27.98 6.60
N PRO D 42 21.10 -29.23 7.05
CA PRO D 42 19.92 -30.00 7.42
C PRO D 42 19.19 -29.48 8.65
N GLU D 43 19.84 -28.56 9.36
CA GLU D 43 19.26 -27.90 10.55
C GLU D 43 18.95 -26.41 10.31
N THR D 44 18.82 -26.07 9.04
CA THR D 44 18.28 -24.73 8.70
C THR D 44 16.97 -24.53 9.47
N LEU D 45 16.87 -23.36 10.10
CA LEU D 45 15.65 -23.04 10.89
C LEU D 45 14.91 -21.81 10.40
N VAL D 46 13.60 -21.88 10.58
CA VAL D 46 12.74 -20.70 10.55
C VAL D 46 12.35 -20.41 11.98
N THR D 47 12.72 -19.23 12.44
CA THR D 47 12.40 -18.79 13.77
C THR D 47 11.71 -17.42 13.71
N GLN D 48 10.71 -17.29 14.54
CA GLN D 48 9.90 -16.09 14.60
C GLN D 48 9.03 -16.02 15.84
N LYS D 49 8.61 -14.83 16.18
CA LYS D 49 7.47 -14.68 17.11
C LYS D 49 6.18 -14.83 16.34
N ALA D 50 5.15 -15.37 17.01
CA ALA D 50 3.88 -15.70 16.38
C ALA D 50 2.69 -15.39 17.28
N THR D 51 1.71 -14.74 16.69
CA THR D 51 0.35 -14.64 17.24
C THR D 51 -0.62 -15.29 16.24
N ALA D 52 -1.53 -16.12 16.75
CA ALA D 52 -2.51 -16.81 15.90
C ALA D 52 -3.89 -16.72 16.52
N LEU D 53 -4.83 -16.32 15.70
CA LEU D 53 -6.25 -16.48 16.00
C LEU D 53 -6.81 -17.60 15.15
N SER D 54 -7.05 -18.73 15.81
CA SER D 54 -7.27 -20.00 15.17
C SER D 54 -8.71 -20.41 15.45
N LEU D 55 -9.48 -20.49 14.38
CA LEU D 55 -10.85 -20.97 14.41
C LEU D 55 -11.00 -22.31 13.68
N SER D 56 -12.03 -23.04 14.03
CA SER D 56 -12.49 -24.18 13.19
C SER D 56 -13.98 -24.13 13.02
N PHE D 57 -14.45 -24.54 11.85
CA PHE D 57 -15.89 -24.67 11.68
C PHE D 57 -16.25 -26.04 11.09
N GLU D 58 -17.37 -26.51 11.56
CA GLU D 58 -18.12 -27.63 10.94
C GLU D 58 -18.91 -27.25 9.71
N THR D 59 -18.80 -28.12 8.72
CA THR D 59 -19.46 -27.90 7.43
C THR D 59 -20.11 -29.21 6.93
N GLU D 60 -20.44 -29.23 5.65
CA GLU D 60 -20.96 -30.42 4.93
C GLU D 60 -19.84 -31.26 4.39
N ARG D 61 -19.87 -32.55 4.72
CA ARG D 61 -18.80 -33.43 4.31
C ARG D 61 -18.70 -33.53 2.82
N ASP D 62 -19.85 -33.66 2.18
N ASP D 62 -19.86 -33.66 2.18
CA ASP D 62 -19.92 -33.97 0.75
CA ASP D 62 -19.91 -33.95 0.74
C ASP D 62 -19.39 -32.83 -0.11
C ASP D 62 -19.24 -32.83 -0.05
N LEU D 63 -19.57 -31.62 0.38
CA LEU D 63 -19.08 -30.41 -0.30
C LEU D 63 -17.57 -30.27 -0.05
N LEU D 64 -17.15 -30.50 1.19
CA LEU D 64 -15.74 -30.29 1.51
C LEU D 64 -14.93 -31.34 0.74
N GLU D 65 -15.53 -32.49 0.52
CA GLU D 65 -14.79 -33.61 -0.12
C GLU D 65 -14.36 -33.33 -1.57
N ASN D 66 -15.11 -32.44 -2.20
CA ASN D 66 -14.89 -32.06 -3.58
C ASN D 66 -13.53 -31.40 -3.76
N TYR D 67 -12.98 -30.91 -2.66
CA TYR D 67 -11.72 -30.11 -2.69
C TYR D 67 -10.55 -30.84 -2.09
N ILE D 68 -10.83 -32.07 -1.70
CA ILE D 68 -9.84 -32.94 -1.09
C ILE D 68 -9.33 -33.97 -2.14
N PRO D 69 -8.00 -34.02 -2.42
CA PRO D 69 -7.60 -34.94 -3.48
C PRO D 69 -7.72 -36.40 -3.11
N GLU D 70 -7.93 -37.22 -4.12
CA GLU D 70 -7.83 -38.67 -3.93
C GLU D 70 -6.49 -39.05 -3.28
N GLY D 71 -6.57 -39.99 -2.36
CA GLY D 71 -5.39 -40.48 -1.66
C GLY D 71 -5.46 -40.07 -0.23
N PHE D 72 -6.24 -39.00 -0.03
CA PHE D 72 -6.53 -38.48 1.30
C PHE D 72 -7.95 -38.85 1.68
N GLU D 73 -8.12 -39.19 2.95
CA GLU D 73 -9.43 -39.34 3.58
C GLU D 73 -9.72 -38.15 4.51
N LEU D 74 -10.89 -37.53 4.30
CA LEU D 74 -11.36 -36.40 5.14
C LEU D 74 -11.85 -37.00 6.48
N LEU D 75 -11.15 -36.66 7.52
CA LEU D 75 -11.37 -37.23 8.86
C LEU D 75 -12.63 -36.68 9.52
N ALA D 76 -12.89 -35.42 9.27
CA ALA D 76 -14.03 -34.76 9.88
C ALA D 76 -14.46 -33.61 8.99
N PRO D 77 -15.75 -33.27 9.03
CA PRO D 77 -16.16 -32.26 8.08
C PRO D 77 -15.89 -30.89 8.67
N GLU D 78 -14.62 -30.54 8.69
CA GLU D 78 -14.15 -29.38 9.45
C GLU D 78 -13.20 -28.56 8.61
N VAL D 79 -13.36 -27.24 8.68
CA VAL D 79 -12.44 -26.32 8.01
C VAL D 79 -11.79 -25.48 9.08
N GLN D 80 -10.46 -25.45 9.01
CA GLN D 80 -9.71 -24.66 9.96
C GLN D 80 -9.31 -23.38 9.23
N VAL D 81 -9.55 -22.24 9.89
CA VAL D 81 -9.21 -20.88 9.39
C VAL D 81 -8.47 -20.18 10.50
N ALA D 82 -7.19 -19.90 10.23
CA ALA D 82 -6.38 -19.09 11.18
C ALA D 82 -5.61 -17.95 10.59
N PHE D 83 -5.72 -16.85 11.32
CA PHE D 83 -4.94 -15.60 11.16
C PHE D 83 -3.66 -15.92 11.89
N ASN D 84 -2.51 -15.65 11.26
CA ASN D 84 -1.27 -15.63 12.00
C ASN D 84 -0.49 -14.36 11.67
N LYS D 85 0.21 -13.83 12.67
CA LYS D 85 1.18 -12.71 12.41
C LYS D 85 2.52 -13.24 12.83
N PHE D 86 3.48 -13.18 11.93
CA PHE D 86 4.85 -13.45 12.30
C PHE D 86 5.70 -12.21 12.35
N THR D 87 6.52 -12.09 13.39
CA THR D 87 7.41 -10.94 13.58
C THR D 87 8.80 -11.42 13.98
N GLU D 88 9.81 -10.54 13.79
CA GLU D 88 11.20 -10.87 14.11
C GLU D 88 11.74 -12.12 13.41
N ILE D 89 11.36 -12.25 12.17
CA ILE D 89 11.67 -13.46 11.43
C ILE D 89 13.09 -13.54 10.98
N ASN D 90 13.72 -14.68 11.23
CA ASN D 90 15.16 -14.83 10.93
C ASN D 90 15.50 -14.75 9.47
N TRP D 91 14.80 -15.56 8.66
CA TRP D 91 15.09 -15.66 7.22
C TRP D 91 14.67 -14.37 6.42
N LEU D 92 13.89 -13.51 7.07
CA LEU D 92 13.56 -12.19 6.52
C LEU D 92 14.31 -11.04 7.29
N HIS D 93 15.40 -11.42 7.96
CA HIS D 93 16.28 -10.46 8.69
C HIS D 93 15.54 -9.40 9.51
N GLY D 94 14.57 -9.93 10.26
CA GLY D 94 13.78 -9.16 11.21
C GLY D 94 12.51 -8.55 10.69
N GLY D 95 12.13 -8.91 9.48
CA GLY D 95 10.81 -8.49 8.98
C GLY D 95 9.61 -9.25 9.55
N GLN D 96 8.47 -8.97 8.97
CA GLN D 96 7.18 -9.53 9.39
C GLN D 96 6.16 -9.67 8.23
N TYR D 97 5.20 -10.52 8.48
CA TYR D 97 4.04 -10.70 7.58
C TYR D 97 2.90 -11.40 8.28
N ASN D 98 1.74 -11.27 7.68
CA ASN D 98 0.51 -11.92 8.12
C ASN D 98 0.02 -12.97 7.09
N LEU D 99 -0.71 -13.95 7.59
CA LEU D 99 -1.28 -14.99 6.74
C LEU D 99 -2.63 -15.46 7.24
N ILE D 100 -3.40 -16.05 6.35
CA ILE D 100 -4.60 -16.74 6.72
C ILE D 100 -4.47 -18.17 6.17
N ASN D 101 -4.51 -19.13 7.09
CA ASN D 101 -4.29 -20.54 6.81
C ASN D 101 -5.62 -21.25 6.78
N VAL D 102 -5.88 -21.95 5.71
CA VAL D 102 -7.14 -22.69 5.53
C VAL D 102 -6.86 -24.15 5.19
N ALA D 103 -7.30 -25.01 6.09
CA ALA D 103 -6.93 -26.45 6.00
C ALA D 103 -8.05 -27.34 6.52
N ALA D 104 -7.95 -28.61 6.17
CA ALA D 104 -8.90 -29.63 6.60
C ALA D 104 -8.13 -30.87 7.12
N PRO D 105 -8.68 -31.56 8.12
CA PRO D 105 -8.03 -32.72 8.74
C PRO D 105 -8.22 -33.94 7.89
N VAL D 106 -7.09 -34.56 7.57
CA VAL D 106 -7.06 -35.68 6.61
C VAL D 106 -6.19 -36.79 7.09
N ARG D 107 -6.44 -37.92 6.47
CA ARG D 107 -5.57 -39.09 6.59
C ARG D 107 -5.04 -39.44 5.21
N PHE D 108 -3.72 -39.62 5.12
CA PHE D 108 -3.03 -40.00 3.88
C PHE D 108 -2.79 -41.48 3.88
N HIS D 109 -3.39 -42.11 2.89
CA HIS D 109 -3.28 -43.57 2.61
C HIS D 109 -2.32 -43.77 1.46
N GLY D 110 -1.05 -43.65 1.82
CA GLY D 110 0.05 -43.70 0.86
C GLY D 110 0.51 -45.14 0.63
N LYS D 111 1.26 -45.30 -0.45
CA LYS D 111 1.81 -46.61 -0.82
C LYS D 111 3.00 -46.84 0.08
N LYS D 112 3.51 -45.73 0.58
CA LYS D 112 4.70 -45.76 1.44
C LYS D 112 4.43 -45.13 2.79
N ASP D 113 3.88 -43.94 2.71
CA ASP D 113 3.63 -43.12 3.90
C ASP D 113 2.19 -43.20 4.35
N GLU D 114 2.04 -43.32 5.65
CA GLU D 114 0.75 -43.34 6.33
C GLU D 114 0.77 -42.46 7.53
N LEU D 115 0.00 -41.39 7.44
CA LEU D 115 0.00 -40.34 8.45
C LEU D 115 -1.27 -39.48 8.38
N ASP D 116 -1.49 -38.77 9.47
CA ASP D 116 -2.56 -37.78 9.57
C ASP D 116 -1.96 -36.37 9.62
N GLY D 117 -2.72 -35.44 9.09
CA GLY D 117 -2.31 -34.03 9.16
C GLY D 117 -3.37 -33.09 8.70
N ALA D 118 -2.92 -31.91 8.27
CA ALA D 118 -3.87 -30.93 7.73
C ALA D 118 -3.61 -30.67 6.28
N TYR D 119 -4.61 -31.01 5.42
CA TYR D 119 -4.53 -30.77 3.97
C TYR D 119 -4.74 -29.28 3.76
N THR D 120 -3.68 -28.62 3.27
CA THR D 120 -3.71 -27.16 3.06
C THR D 120 -4.57 -26.84 1.80
N LEU D 121 -5.66 -26.14 2.04
CA LEU D 121 -6.60 -25.72 1.01
C LEU D 121 -6.15 -24.43 0.23
N VAL D 122 -5.76 -23.44 1.00
CA VAL D 122 -5.23 -22.17 0.44
C VAL D 122 -4.62 -21.45 1.61
N VAL D 123 -3.57 -20.66 1.35
CA VAL D 123 -3.01 -19.75 2.35
C VAL D 123 -2.96 -18.41 1.68
N TRP D 124 -3.56 -17.38 2.29
CA TRP D 124 -3.37 -15.97 1.84
C TRP D 124 -2.23 -15.42 2.64
N GLU D 125 -1.28 -14.75 1.97
CA GLU D 125 -0.20 -14.06 2.68
C GLU D 125 -0.07 -12.64 2.07
N ASN D 126 0.42 -11.68 2.87
CA ASN D 126 0.51 -10.26 2.49
C ASN D 126 1.95 -9.86 2.19
N LYS D 127 2.81 -10.86 1.91
CA LYS D 127 4.21 -10.62 1.46
C LYS D 127 4.50 -11.70 0.38
N THR D 128 5.19 -11.31 -0.70
CA THR D 128 5.38 -12.22 -1.82
C THR D 128 6.51 -13.23 -1.53
N ALA D 129 7.55 -12.83 -0.81
CA ALA D 129 8.66 -13.77 -0.54
C ALA D 129 8.19 -15.13 0.02
N PRO D 130 7.35 -15.13 1.09
CA PRO D 130 6.98 -16.46 1.58
C PRO D 130 6.03 -17.25 0.71
N ILE D 131 5.40 -16.53 -0.19
CA ILE D 131 4.46 -17.16 -1.09
C ILE D 131 5.31 -18.05 -1.99
N LEU D 132 6.38 -17.43 -2.48
CA LEU D 132 7.26 -18.07 -3.50
C LEU D 132 7.87 -19.30 -2.91
N GLY D 133 8.39 -19.08 -1.71
CA GLY D 133 9.12 -20.16 -1.00
C GLY D 133 8.18 -21.30 -0.66
N GLY D 134 7.03 -20.93 -0.12
CA GLY D 134 6.08 -21.95 0.29
C GLY D 134 5.64 -22.83 -0.86
N ARG D 135 5.34 -22.18 -1.96
CA ARG D 135 4.82 -22.89 -3.13
C ARG D 135 5.92 -23.77 -3.71
N GLU D 136 7.07 -23.15 -3.91
CA GLU D 136 8.10 -23.78 -4.75
C GLU D 136 8.91 -24.78 -3.97
N GLN D 137 8.94 -24.59 -2.66
CA GLN D 137 9.79 -25.41 -1.77
C GLN D 137 9.00 -26.60 -1.25
N THR D 138 7.72 -26.37 -1.02
CA THR D 138 6.87 -27.34 -0.26
C THR D 138 5.43 -27.60 -0.77
N GLY D 139 5.07 -26.98 -1.89
CA GLY D 139 3.75 -27.24 -2.46
C GLY D 139 2.64 -26.72 -1.57
N ILE D 140 2.93 -25.67 -0.82
CA ILE D 140 1.88 -25.07 0.00
C ILE D 140 1.15 -23.99 -0.84
N PRO D 141 -0.19 -24.02 -0.90
CA PRO D 141 -0.84 -23.22 -1.96
C PRO D 141 -1.09 -21.78 -1.50
N LYS D 142 0.01 -21.08 -1.42
CA LYS D 142 0.03 -19.65 -1.08
C LYS D 142 -0.31 -18.73 -2.25
N ILE D 143 -1.15 -17.74 -1.93
CA ILE D 143 -1.59 -16.64 -2.85
C ILE D 143 -1.69 -15.33 -2.05
N TYR D 144 -1.68 -14.19 -2.73
CA TYR D 144 -1.67 -12.86 -2.07
C TYR D 144 -3.03 -12.29 -1.75
N ALA D 145 -3.09 -11.68 -0.56
CA ALA D 145 -4.16 -10.77 -0.14
C ALA D 145 -3.61 -9.72 0.77
N ASP D 146 -4.34 -8.61 0.84
CA ASP D 146 -4.11 -7.66 1.90
C ASP D 146 -4.81 -8.18 3.16
N ILE D 147 -4.09 -8.21 4.25
CA ILE D 147 -4.55 -8.77 5.50
C ILE D 147 -4.18 -7.84 6.65
N GLU D 148 -5.19 -7.27 7.26
CA GLU D 148 -5.02 -6.34 8.39
C GLU D 148 -4.40 -7.07 9.60
N ASP D 149 -3.54 -6.38 10.29
N ASP D 149 -3.51 -6.35 10.26
CA ASP D 149 -3.18 -6.86 11.60
CA ASP D 149 -3.10 -6.74 11.63
C ASP D 149 -4.44 -6.71 12.43
C ASP D 149 -4.44 -6.73 12.41
N LEU D 150 -4.49 -7.49 13.49
CA LEU D 150 -5.67 -7.42 14.42
C LEU D 150 -5.97 -5.98 14.88
N HIS D 151 -7.25 -5.63 14.78
CA HIS D 151 -7.85 -4.39 15.33
C HIS D 151 -8.42 -4.80 16.72
N ILE D 152 -8.02 -4.07 17.75
CA ILE D 152 -8.27 -4.49 19.15
C ILE D 152 -8.84 -3.46 20.12
N VAL D 153 -10.06 -3.76 20.53
CA VAL D 153 -10.82 -3.01 21.56
C VAL D 153 -11.27 -4.08 22.59
N ARG D 154 -10.38 -4.37 23.53
CA ARG D 154 -10.53 -5.60 24.34
C ARG D 154 -11.88 -5.54 24.99
N PRO D 155 -12.61 -6.67 25.04
CA PRO D 155 -12.28 -8.05 24.70
C PRO D 155 -12.38 -8.48 23.20
N HIS D 156 -12.51 -7.49 22.30
CA HIS D 156 -12.78 -7.75 20.89
C HIS D 156 -11.57 -7.60 20.01
N PHE D 157 -11.46 -8.55 19.08
CA PHE D 157 -10.31 -8.65 18.16
C PHE D 157 -10.88 -8.87 16.79
N ALA D 158 -10.35 -8.18 15.77
CA ALA D 158 -10.82 -8.41 14.39
C ALA D 158 -9.78 -8.25 13.31
N THR D 159 -10.04 -8.89 12.17
CA THR D 159 -9.24 -8.60 10.98
C THR D 159 -10.12 -8.59 9.77
N THR D 160 -9.58 -8.07 8.69
CA THR D 160 -10.22 -8.07 7.42
C THR D 160 -9.20 -8.45 6.37
N VAL D 161 -9.66 -9.25 5.40
CA VAL D 161 -8.81 -9.76 4.33
C VAL D 161 -9.45 -9.33 3.02
N SER D 162 -8.66 -8.79 2.09
CA SER D 162 -9.23 -8.28 0.83
C SER D 162 -8.27 -8.35 -0.31
N TYR D 163 -8.86 -8.25 -1.49
CA TYR D 163 -8.11 -8.27 -2.76
C TYR D 163 -8.42 -6.99 -3.51
N GLU D 164 -7.44 -6.10 -3.64
CA GLU D 164 -7.59 -4.85 -4.44
C GLU D 164 -8.83 -4.07 -4.06
N GLY D 165 -9.00 -4.00 -2.76
CA GLY D 165 -10.00 -3.21 -2.10
C GLY D 165 -11.31 -3.91 -1.84
N ASN D 166 -11.40 -5.14 -2.34
CA ASN D 166 -12.64 -5.94 -2.30
C ASN D 166 -12.59 -6.95 -1.17
N THR D 167 -13.37 -6.68 -0.15
CA THR D 167 -13.39 -7.52 1.05
C THR D 167 -13.84 -8.93 0.71
N PHE D 168 -13.16 -9.94 1.26
CA PHE D 168 -13.69 -11.27 1.05
C PHE D 168 -13.70 -12.13 2.30
N LEU D 169 -13.02 -11.69 3.34
CA LEU D 169 -13.06 -12.40 4.63
C LEU D 169 -12.89 -11.48 5.84
N ASN D 170 -13.86 -11.63 6.74
CA ASN D 170 -13.93 -10.93 8.02
C ASN D 170 -13.87 -12.00 9.11
N ASP D 172 -13.82 -12.25 13.47
CA ASP D 172 -14.02 -11.60 14.76
C ASP D 172 -13.82 -12.58 15.93
N PHE D 173 -13.38 -12.06 17.06
CA PHE D 173 -13.15 -12.87 18.27
C PHE D 173 -13.33 -12.03 19.51
N GLU D 174 -14.15 -12.54 20.42
CA GLU D 174 -14.32 -11.96 21.75
C GLU D 174 -13.71 -12.88 22.78
N ALA D 175 -12.61 -12.44 23.36
CA ALA D 175 -11.92 -13.24 24.40
C ALA D 175 -12.90 -13.38 25.57
N THR D 176 -12.97 -14.58 26.12
CA THR D 176 -13.83 -14.76 27.31
C THR D 176 -13.08 -15.21 28.54
N GLY D 177 -11.83 -15.60 28.33
CA GLY D 177 -10.93 -15.96 29.42
C GLY D 177 -9.59 -16.53 29.02
N SER D 178 -8.72 -16.54 30.00
CA SER D 178 -7.43 -17.22 29.91
C SER D 178 -7.50 -18.72 29.94
N ILE D 179 -6.64 -19.31 29.14
CA ILE D 179 -6.43 -20.76 29.18
C ILE D 179 -5.21 -21.00 30.05
N THR D 180 -5.44 -21.82 31.07
CA THR D 180 -4.41 -22.19 32.03
C THR D 180 -4.49 -23.65 32.38
N GLY D 181 -3.47 -24.05 33.10
CA GLY D 181 -3.37 -25.44 33.58
C GLY D 181 -3.53 -26.49 32.51
N ARG D 182 -4.32 -27.49 32.84
CA ARG D 182 -4.49 -28.67 31.97
C ARG D 182 -4.92 -28.28 30.59
N ASP D 183 -5.76 -27.26 30.54
CA ASP D 183 -6.35 -26.80 29.29
C ASP D 183 -5.24 -26.27 28.41
N LEU D 184 -4.32 -25.59 29.08
CA LEU D 184 -3.19 -24.94 28.40
C LEU D 184 -2.22 -25.99 27.88
N ASP D 185 -2.11 -27.08 28.62
CA ASP D 185 -1.16 -28.12 28.24
C ASP D 185 -1.68 -28.82 27.02
N ALA D 186 -2.98 -28.96 27.00
CA ALA D 186 -3.69 -29.58 25.90
C ALA D 186 -3.45 -28.74 24.65
N LEU D 187 -3.63 -27.46 24.84
CA LEU D 187 -3.49 -26.50 23.74
C LEU D 187 -2.06 -26.50 23.23
N LYS D 188 -1.10 -26.45 24.16
CA LYS D 188 0.30 -26.39 23.78
C LYS D 188 0.63 -27.61 22.95
N SER D 189 0.01 -28.70 23.30
CA SER D 189 0.35 -29.95 22.66
C SER D 189 -0.26 -30.01 21.27
N GLN D 190 -1.46 -29.48 21.17
CA GLN D 190 -2.18 -29.40 19.88
C GLN D 190 -1.34 -28.62 18.86
N PHE D 191 -0.76 -27.52 19.32
CA PHE D 191 -0.12 -26.53 18.42
C PHE D 191 1.34 -26.89 18.13
N LEU D 192 1.90 -27.74 18.96
CA LEU D 192 3.35 -27.91 18.96
C LEU D 192 3.81 -28.73 17.78
N THR D 193 3.00 -29.73 17.48
CA THR D 193 3.32 -30.70 16.45
C THR D 193 2.16 -30.76 15.47
N ASN D 195 1.26 -31.56 11.31
CA ASN D 195 1.65 -32.14 10.03
C ASN D 195 0.97 -31.36 8.94
N THR D 196 1.61 -30.29 8.51
CA THR D 196 1.08 -29.56 7.35
C THR D 196 1.34 -30.31 6.03
N LEU D 197 0.27 -30.45 5.25
CA LEU D 197 0.24 -31.19 3.98
C LEU D 197 -0.04 -30.28 2.80
N GLY D 198 0.70 -30.52 1.74
CA GLY D 198 0.62 -29.73 0.51
C GLY D 198 0.72 -30.60 -0.73
N TRP D 199 0.52 -29.93 -1.85
CA TRP D 199 0.61 -30.53 -3.17
C TRP D 199 1.37 -29.63 -4.11
N ARG D 200 2.62 -30.03 -4.35
CA ARG D 200 3.52 -29.33 -5.27
C ARG D 200 3.22 -29.81 -6.67
N TYR D 201 2.64 -28.88 -7.43
CA TYR D 201 2.22 -29.03 -8.81
C TYR D 201 2.80 -27.92 -9.67
N ILE D 202 3.44 -28.33 -10.75
CA ILE D 202 4.05 -27.42 -11.75
C ILE D 202 3.56 -27.89 -13.11
N PRO D 203 2.89 -27.03 -13.88
CA PRO D 203 2.28 -27.40 -15.17
C PRO D 203 3.28 -27.68 -16.25
N LYS D 204 2.83 -28.45 -17.23
CA LYS D 204 3.55 -28.52 -18.52
C LYS D 204 3.62 -27.13 -19.17
N VAL D 205 4.74 -26.87 -19.82
CA VAL D 205 4.89 -25.65 -20.63
C VAL D 205 4.12 -25.89 -21.93
N GLY D 206 3.11 -25.07 -22.16
CA GLY D 206 2.39 -25.05 -23.44
C GLY D 206 1.56 -26.26 -23.75
N ALA D 207 1.32 -27.06 -22.71
CA ALA D 207 0.49 -28.27 -22.83
C ALA D 207 -0.34 -28.48 -21.57
N PRO D 208 -1.43 -29.26 -21.65
CA PRO D 208 -2.14 -29.55 -20.41
C PRO D 208 -1.45 -30.57 -19.56
N GLY D 209 -1.81 -30.57 -18.28
CA GLY D 209 -1.24 -31.50 -17.30
C GLY D 209 -0.01 -30.97 -16.60
N ALA D 210 0.62 -31.90 -15.91
CA ALA D 210 1.70 -31.63 -14.99
C ALA D 210 3.06 -32.07 -15.47
N GLU D 211 4.01 -31.22 -15.19
CA GLU D 211 5.43 -31.54 -15.30
C GLU D 211 5.88 -32.23 -14.03
N LEU D 212 5.30 -31.80 -12.93
CA LEU D 212 5.69 -32.26 -11.61
C LEU D 212 4.41 -32.20 -10.79
N SER D 213 4.15 -33.28 -10.08
CA SER D 213 2.97 -33.43 -9.23
C SER D 213 3.22 -34.39 -8.07
N GLN D 214 3.34 -33.83 -6.89
CA GLN D 214 3.66 -34.64 -5.71
C GLN D 214 3.11 -34.04 -4.42
N PHE D 215 2.74 -34.92 -3.53
CA PHE D 215 2.34 -34.49 -2.17
C PHE D 215 3.53 -34.30 -1.27
N VAL D 216 3.35 -33.37 -0.34
CA VAL D 216 4.44 -32.93 0.50
C VAL D 216 4.00 -32.72 1.94
N LEU D 217 4.87 -33.15 2.84
CA LEU D 217 4.68 -33.04 4.29
C LEU D 217 5.70 -32.04 4.88
N TYR D 218 5.19 -31.04 5.59
CA TYR D 218 6.03 -30.06 6.30
C TYR D 218 5.66 -30.14 7.78
N PRO D 219 6.47 -30.86 8.56
CA PRO D 219 6.22 -30.87 10.02
C PRO D 219 6.59 -29.55 10.66
N GLN D 220 5.58 -28.94 11.25
CA GLN D 220 5.76 -27.63 11.88
C GLN D 220 4.90 -27.50 13.11
N GLY D 221 4.68 -26.28 13.55
CA GLY D 221 3.99 -26.08 14.84
C GLY D 221 4.71 -25.10 15.73
N GLU D 223 5.29 -22.95 19.57
CA GLU D 223 5.35 -22.94 21.03
C GLU D 223 4.51 -21.82 21.60
N VAL D 224 3.37 -22.24 22.13
CA VAL D 224 2.38 -21.35 22.71
C VAL D 224 2.85 -21.03 24.08
N GLU D 225 2.86 -19.74 24.39
N GLU D 225 2.85 -19.73 24.38
CA GLU D 225 3.20 -19.28 25.72
CA GLU D 225 3.27 -19.22 25.67
C GLU D 225 1.91 -19.03 26.45
C GLU D 225 2.05 -18.82 26.51
N THR D 226 1.10 -18.17 25.86
CA THR D 226 -0.17 -17.76 26.47
C THR D 226 -1.32 -17.92 25.48
N ALA D 227 -2.50 -18.04 26.03
CA ALA D 227 -3.69 -18.29 25.21
C ALA D 227 -4.96 -17.85 25.90
N GLU D 228 -5.89 -17.40 25.07
CA GLU D 228 -7.25 -17.08 25.47
C GLU D 228 -8.27 -17.84 24.64
N VAL D 229 -9.32 -18.22 25.33
CA VAL D 229 -10.51 -18.75 24.71
C VAL D 229 -11.54 -17.65 24.50
N GLY D 230 -12.40 -17.89 23.53
CA GLY D 230 -13.52 -16.98 23.27
C GLY D 230 -14.48 -17.39 22.21
N LYS D 231 -15.21 -16.38 21.74
CA LYS D 231 -16.31 -16.55 20.78
C LYS D 231 -15.86 -16.03 19.45
N GLY D 232 -15.77 -16.94 18.50
CA GLY D 232 -15.22 -16.61 17.17
C GLY D 232 -16.30 -16.60 16.14
N SER D 233 -16.09 -15.76 15.12
CA SER D 233 -16.85 -15.86 13.91
C SER D 233 -16.05 -15.50 12.70
N LEU D 234 -16.62 -15.90 11.58
CA LEU D 234 -16.07 -15.52 10.25
C LEU D 234 -17.18 -15.37 9.21
N LYS D 235 -16.87 -14.59 8.19
CA LYS D 235 -17.80 -14.34 7.07
C LYS D 235 -17.03 -14.18 5.78
N TRP D 236 -17.38 -15.03 4.81
CA TRP D 236 -16.83 -14.91 3.44
C TRP D 236 -17.71 -13.97 2.65
N THR D 237 -17.09 -13.23 1.72
CA THR D 237 -17.88 -12.47 0.77
C THR D 237 -17.49 -12.91 -0.66
N GLU D 238 -18.49 -13.34 -1.44
CA GLU D 238 -18.23 -13.80 -2.82
C GLU D 238 -17.73 -12.63 -3.66
N LEU D 239 -16.84 -12.96 -4.58
CA LEU D 239 -16.22 -12.00 -5.46
C LEU D 239 -16.53 -12.36 -6.90
N THR D 240 -16.53 -11.33 -7.73
CA THR D 240 -16.58 -11.51 -9.19
C THR D 240 -15.22 -11.56 -9.80
N PRO D 241 -15.10 -12.07 -11.03
CA PRO D 241 -13.78 -12.04 -11.68
C PRO D 241 -13.12 -10.65 -11.86
N GLN D 243 -13.39 -8.29 -9.77
CA GLN D 243 -12.94 -8.01 -8.41
C GLN D 243 -11.67 -8.74 -8.04
N SER D 244 -11.66 -10.00 -8.43
CA SER D 244 -10.56 -10.84 -8.07
C SER D 244 -10.25 -11.86 -9.12
N PRO D 245 -9.56 -11.45 -10.18
CA PRO D 245 -9.54 -12.36 -11.36
C PRO D 245 -8.88 -13.72 -11.19
N ALA D 246 -7.90 -13.79 -10.31
CA ALA D 246 -6.99 -14.93 -10.18
C ALA D 246 -7.53 -15.86 -9.10
N GLN D 247 -8.50 -15.36 -8.33
CA GLN D 247 -8.83 -16.00 -7.02
C GLN D 247 -10.34 -16.15 -6.73
N TYR D 248 -11.16 -15.53 -7.54
CA TYR D 248 -12.59 -15.43 -7.16
C TYR D 248 -13.22 -16.84 -6.91
N TYR D 249 -12.80 -17.78 -7.72
CA TYR D 249 -13.36 -19.15 -7.64
C TYR D 249 -12.94 -19.89 -6.33
N ILE D 250 -11.74 -19.58 -5.88
CA ILE D 250 -11.24 -20.10 -4.59
C ILE D 250 -12.11 -19.55 -3.46
N VAL D 251 -12.23 -18.24 -3.43
CA VAL D 251 -13.07 -17.57 -2.43
C VAL D 251 -14.52 -18.12 -2.46
N ASN D 252 -15.05 -18.27 -3.65
CA ASN D 252 -16.47 -18.57 -3.80
C ASN D 252 -16.73 -20.04 -3.42
N SER D 253 -15.72 -20.85 -3.68
CA SER D 253 -15.78 -22.27 -3.31
C SER D 253 -15.87 -22.38 -1.77
N LEU D 254 -14.99 -21.66 -1.13
CA LEU D 254 -14.99 -21.64 0.34
C LEU D 254 -16.29 -21.07 0.91
N ALA D 255 -16.75 -20.00 0.29
CA ALA D 255 -17.96 -19.32 0.78
C ALA D 255 -19.12 -20.29 0.74
N SER D 256 -19.05 -21.22 -0.19
CA SER D 256 -20.19 -22.14 -0.45
C SER D 256 -20.31 -23.21 0.60
N LEU D 257 -19.27 -23.38 1.38
CA LEU D 257 -19.23 -24.40 2.46
C LEU D 257 -19.97 -23.91 3.70
N PRO D 258 -21.12 -24.51 4.02
CA PRO D 258 -21.84 -23.87 5.12
C PRO D 258 -21.17 -23.88 6.47
N ILE D 259 -21.32 -22.76 7.15
CA ILE D 259 -20.77 -22.61 8.50
C ILE D 259 -21.86 -23.11 9.46
N LYS D 260 -21.75 -24.37 9.85
CA LYS D 260 -22.81 -25.01 10.67
C LYS D 260 -22.59 -24.73 12.14
N ARG D 261 -21.34 -24.64 12.53
CA ARG D 261 -20.95 -24.39 13.91
C ARG D 261 -19.49 -24.04 13.99
N VAL D 262 -19.18 -23.02 14.77
CA VAL D 262 -17.81 -22.71 15.05
C VAL D 262 -17.41 -23.57 16.22
N THR D 263 -16.43 -24.43 15.99
CA THR D 263 -16.18 -25.53 16.93
C THR D 263 -15.03 -25.23 17.85
N GLN D 264 -14.15 -24.31 17.43
CA GLN D 264 -13.05 -23.86 18.29
C GLN D 264 -12.74 -22.42 17.94
N ALA D 265 -12.33 -21.69 18.97
CA ALA D 265 -11.85 -20.31 18.78
C ALA D 265 -10.83 -19.96 19.87
N VAL D 266 -9.58 -19.80 19.48
CA VAL D 266 -8.52 -19.40 20.39
C VAL D 266 -7.58 -18.34 19.85
N LEU D 267 -7.06 -17.53 20.76
CA LEU D 267 -6.05 -16.50 20.47
C LEU D 267 -4.83 -16.86 21.25
N VAL D 268 -3.76 -17.18 20.54
CA VAL D 268 -2.47 -17.52 21.14
C VAL D 268 -1.35 -16.63 20.75
N GLU D 269 -0.31 -16.81 21.55
N GLU D 269 -0.40 -16.51 21.68
CA GLU D 269 0.83 -15.92 21.62
CA GLU D 269 0.87 -15.88 21.38
C GLU D 269 2.07 -16.75 21.94
C GLU D 269 1.96 -16.84 21.77
N GLY D 270 3.05 -16.74 21.03
CA GLY D 270 4.30 -17.49 21.27
C GLY D 270 5.41 -17.27 20.27
N ARG D 271 6.06 -18.38 19.97
CA ARG D 271 7.14 -18.42 18.99
C ARG D 271 7.16 -19.74 18.25
N ALA D 272 7.92 -19.75 17.17
CA ALA D 272 8.14 -20.94 16.38
C ALA D 272 9.61 -21.09 16.06
N ILE D 273 9.99 -22.37 16.09
CA ILE D 273 11.26 -22.90 15.68
C ILE D 273 10.97 -24.11 14.78
N LEU D 274 11.10 -23.87 13.49
CA LEU D 274 10.84 -24.85 12.46
C LEU D 274 12.08 -25.35 11.75
N ARG D 275 12.08 -26.66 11.56
CA ARG D 275 13.09 -27.34 10.76
C ARG D 275 12.70 -27.31 9.29
N ALA D 276 13.17 -26.28 8.59
CA ALA D 276 12.78 -26.06 7.21
C ALA D 276 13.13 -27.25 6.32
N GLY D 278 13.25 -30.33 7.18
CA GLY D 278 12.46 -31.46 7.63
C GLY D 278 11.25 -31.79 6.77
N ALA D 279 10.96 -30.93 5.80
CA ALA D 279 9.90 -31.22 4.83
C ALA D 279 10.31 -32.41 3.92
N ARG D 280 9.31 -33.15 3.47
N ARG D 280 9.29 -33.14 3.49
CA ARG D 280 9.57 -34.27 2.58
CA ARG D 280 9.47 -34.34 2.66
C ARG D 280 8.38 -34.70 1.75
C ARG D 280 8.34 -34.64 1.70
N VAL D 281 8.72 -35.21 0.58
CA VAL D 281 7.74 -35.73 -0.34
C VAL D 281 7.18 -37.00 0.32
N ILE D 282 5.88 -37.16 0.22
CA ILE D 282 5.19 -38.36 0.70
C ILE D 282 4.43 -39.01 -0.44
N GLU D 283 4.35 -40.33 -0.40
CA GLU D 283 3.65 -41.07 -1.47
C GLU D 283 3.05 -42.39 -1.00
#